data_8HR5
#
_entry.id   8HR5
#
_cell.length_a   1.00
_cell.length_b   1.00
_cell.length_c   1.00
_cell.angle_alpha   90.00
_cell.angle_beta   90.00
_cell.angle_gamma   90.00
#
_symmetry.space_group_name_H-M   'P 1'
#
loop_
_entity.id
_entity.type
_entity.pdbx_description
1 polymer Transposase
2 polymer sgRNA
3 polymer 'DNA (28-MER)'
4 polymer "DNA (5'-D(*TP*AP*AP*CP*CP*TP*AP*AP*TP*AP*GP*AP*TP*GP*TP*GP*AP*A)-3')"
#
loop_
_entity_poly.entity_id
_entity_poly.type
_entity_poly.pdbx_seq_one_letter_code
_entity_poly.pdbx_strand_id
1 'polypeptide(L)'
;MITVRKIKLTIMGDKDTRNSQYKWIRDEQYNQYRALNMGMTYLAVNDILYMNESGLEIRTIKDLKDCEKDIDKNKKEIEK
LTARLEKEQNKKNSSSEKLDEIKYKISLVENKIEDYKLKIVELNKILEETQKERMDIQKEFKEKYVDDLYQVLDKIPFKH
LDNKSLVTQRIKADIKSDKSNGLLKGERSIRNYKRNFPLMTRGRDLKFKYDDNDDIEIKWMEGIKFKVILGNRIKNSLEL
RHTLHKVIEGKYKICDSSLQFDKNNNLILNLTLDIPIDIVNKKVSGRVVGVDLGLKIPAYCALNDVEYIKKSIGRIDDFL
KVRTQMQSRRRRLQIAIQSAKGGKGRVNKLQALERFAEKEKNFAKTYNHFLSSNIVKFAVSNQAEQINMELLSLKETQNK
SILRNWSYYQLQTMIEYKAQREGIKVKYIDPYHTSQTCSKCGNYEEGQRESQADFICKKCGYKVNADYNAARNIAMSNKY
ITKKEESKYYKIKESMV
;
A,B
2 'polyribonucleotide'
;AACAUAGUUAAACUAAUAAAAACAGGGCGAUUUAACGUCCUAAGGCUGAGAGAAGUUUUUUCUACUCGGCAAGGGUUAAU
CUCGAUUGUUGUGUUACCGAUCGAGCGUUUCACAAAAUGCGAGAGAAAUCUCGCAUUUUUAAUUUUGCAGUAAGGCUAGU
UUUUAUAUAAAUAUGCUAUAACUAGGGUUUUAGUUUAACUAUGUGAAAUGUAAAUAAUAGAUGUGAAGUCGCUUU
;
C
3 'polydeoxyribonucleotide'
;(DG)(DA)(DA)(DA)(DA)(DG)(DC)(DG)(DA)(DC)(DT)(DT)(DC)(DA)(DC)(DA)(DT)(DC)(DT)(DA)
(DT)(DT)(DA)(DG)(DG)(DT)(DT)(DA)
;
D
4 'polydeoxyribonucleotide' (DT)(DA)(DA)(DC)(DC)(DT)(DA)(DA)(DT)(DA)(DG)(DA)(DT)(DG)(DT)(DG)(DA)(DA) E
#
# COMPACT_ATOMS: atom_id res chain seq x y z
N MET A 1 4.41 -16.80 17.41
CA MET A 1 5.61 -17.34 16.79
C MET A 1 6.71 -16.29 16.74
N ILE A 2 6.77 -15.54 15.62
CA ILE A 2 7.79 -14.52 15.45
C ILE A 2 7.55 -13.39 16.45
N THR A 3 8.63 -12.67 16.79
CA THR A 3 8.54 -11.54 17.69
C THR A 3 9.72 -10.61 17.44
N VAL A 4 9.57 -9.36 17.92
CA VAL A 4 10.63 -8.34 17.65
C VAL A 4 11.04 -7.64 18.96
N ARG A 5 12.34 -7.50 19.19
CA ARG A 5 12.90 -6.82 20.33
C ARG A 5 13.81 -5.70 19.85
N LYS A 6 13.64 -4.51 20.42
CA LYS A 6 14.40 -3.34 20.01
C LYS A 6 15.60 -3.15 20.94
N ILE A 7 16.77 -2.91 20.36
CA ILE A 7 18.02 -2.78 21.08
C ILE A 7 18.75 -1.54 20.58
N LYS A 8 19.36 -0.80 21.50
CA LYS A 8 20.21 0.32 21.12
C LYS A 8 21.66 -0.14 21.02
N LEU A 9 22.39 0.41 20.06
CA LEU A 9 23.73 -0.06 19.73
C LEU A 9 24.70 1.12 19.66
N THR A 10 25.99 0.75 19.63
CA THR A 10 27.07 1.76 19.61
C THR A 10 28.28 1.17 18.89
N ILE A 11 29.18 2.01 18.38
CA ILE A 11 30.36 1.60 17.62
C ILE A 11 31.60 1.62 18.52
N MET A 12 32.50 0.68 18.29
CA MET A 12 33.79 0.62 18.97
C MET A 12 34.86 1.26 18.12
N GLY A 13 35.50 2.30 18.64
CA GLY A 13 36.60 2.92 17.93
C GLY A 13 36.79 4.37 18.35
N ASP A 14 37.66 5.04 17.62
CA ASP A 14 38.04 6.41 17.93
C ASP A 14 36.92 7.37 17.56
N LYS A 15 37.17 8.67 17.76
CA LYS A 15 36.19 9.68 17.41
C LYS A 15 35.93 9.71 15.91
N ASP A 16 36.99 9.60 15.10
CA ASP A 16 36.81 9.66 13.65
C ASP A 16 36.33 8.35 13.05
N THR A 17 36.49 7.23 13.76
CA THR A 17 35.96 5.97 13.24
C THR A 17 34.44 5.96 13.24
N ARG A 18 33.82 6.74 14.13
CA ARG A 18 32.36 6.84 14.11
C ARG A 18 31.85 7.47 12.83
N ASN A 19 32.53 8.49 12.33
CA ASN A 19 32.08 9.17 11.12
C ASN A 19 32.04 8.20 9.94
N SER A 20 33.08 7.39 9.77
CA SER A 20 33.14 6.49 8.62
C SER A 20 32.03 5.46 8.66
N GLN A 21 31.81 4.83 9.82
CA GLN A 21 30.77 3.81 9.92
C GLN A 21 29.39 4.41 9.77
N TYR A 22 29.17 5.62 10.30
CA TYR A 22 27.88 6.27 10.12
C TYR A 22 27.62 6.60 8.66
N LYS A 23 28.65 7.07 7.93
CA LYS A 23 28.47 7.30 6.51
C LYS A 23 28.21 6.00 5.76
N TRP A 24 28.89 4.93 6.16
CA TRP A 24 28.66 3.63 5.53
C TRP A 24 27.21 3.21 5.69
N ILE A 25 26.69 3.34 6.91
CA ILE A 25 25.31 2.92 7.19
C ILE A 25 24.32 3.78 6.39
N ARG A 26 24.54 5.09 6.37
CA ARG A 26 23.63 5.94 5.62
C ARG A 26 23.64 5.61 4.13
N ASP A 27 24.82 5.37 3.56
CA ASP A 27 24.89 5.05 2.14
C ASP A 27 24.25 3.70 1.84
N GLU A 28 24.39 2.73 2.75
CA GLU A 28 23.76 1.44 2.52
C GLU A 28 22.25 1.47 2.72
N GLN A 29 21.72 2.47 3.43
CA GLN A 29 20.27 2.69 3.39
C GLN A 29 19.85 3.33 2.07
N TYR A 30 20.63 4.31 1.60
CA TYR A 30 20.27 5.01 0.36
C TYR A 30 20.27 4.08 -0.85
N ASN A 31 21.24 3.17 -0.91
CA ASN A 31 21.31 2.24 -2.03
C ASN A 31 20.08 1.34 -2.06
N GLN A 32 19.67 0.84 -0.90
CA GLN A 32 18.49 0.00 -0.83
C GLN A 32 17.24 0.77 -1.23
N TYR A 33 17.15 2.02 -0.78
CA TYR A 33 16.10 2.92 -1.27
C TYR A 33 16.01 2.94 -2.79
N ARG A 34 17.14 3.11 -3.47
CA ARG A 34 17.08 3.18 -4.94
C ARG A 34 16.72 1.83 -5.55
N ALA A 35 17.28 0.74 -5.00
CA ALA A 35 17.12 -0.57 -5.60
C ALA A 35 15.67 -1.04 -5.55
N LEU A 36 14.98 -0.80 -4.42
CA LEU A 36 13.59 -1.24 -4.32
C LEU A 36 12.73 -0.59 -5.41
N ASN A 37 12.90 0.72 -5.62
CA ASN A 37 12.12 1.41 -6.63
C ASN A 37 12.43 0.89 -8.03
N MET A 38 13.72 0.69 -8.35
CA MET A 38 14.05 0.18 -9.67
C MET A 38 13.43 -1.19 -9.92
N GLY A 39 13.54 -2.09 -8.93
CA GLY A 39 12.98 -3.42 -9.10
C GLY A 39 11.47 -3.38 -9.30
N MET A 40 10.79 -2.54 -8.52
CA MET A 40 9.35 -2.39 -8.71
C MET A 40 9.01 -1.91 -10.12
N THR A 41 9.74 -0.92 -10.62
CA THR A 41 9.46 -0.42 -11.96
C THR A 41 9.60 -1.53 -12.99
N TYR A 42 10.71 -2.28 -12.94
CA TYR A 42 10.93 -3.32 -13.93
C TYR A 42 9.84 -4.38 -13.88
N LEU A 43 9.52 -4.88 -12.69
CA LEU A 43 8.54 -5.95 -12.63
C LEU A 43 7.15 -5.48 -13.03
N ALA A 44 6.77 -4.25 -12.66
CA ALA A 44 5.48 -3.73 -13.07
C ALA A 44 5.39 -3.61 -14.59
N VAL A 45 6.45 -3.10 -15.23
CA VAL A 45 6.42 -2.97 -16.68
C VAL A 45 6.33 -4.33 -17.34
N ASN A 46 7.10 -5.31 -16.86
CA ASN A 46 7.05 -6.65 -17.43
C ASN A 46 5.65 -7.24 -17.35
N ASP A 47 5.06 -7.21 -16.15
CA ASP A 47 3.78 -7.90 -15.98
C ASP A 47 2.62 -7.14 -16.61
N ILE A 48 2.74 -5.83 -16.81
CA ILE A 48 1.75 -5.14 -17.63
C ILE A 48 1.92 -5.51 -19.09
N LEU A 49 3.16 -5.61 -19.56
CA LEU A 49 3.41 -5.92 -20.97
C LEU A 49 2.90 -7.30 -21.33
N TYR A 50 3.01 -8.25 -20.39
CA TYR A 50 2.56 -9.62 -20.68
C TYR A 50 1.08 -9.66 -21.00
N MET A 51 0.25 -9.00 -20.20
CA MET A 51 -1.19 -9.01 -20.45
C MET A 51 -1.59 -8.00 -21.53
N ASN A 52 -0.74 -7.00 -21.76
CA ASN A 52 -1.04 -5.94 -22.76
C ASN A 52 -0.52 -6.38 -24.13
N GLU A 53 0.24 -7.48 -24.19
CA GLU A 53 0.83 -7.92 -25.48
C GLU A 53 0.02 -9.10 -26.04
N SER A 54 0.66 -10.26 -26.21
CA SER A 54 -0.02 -11.44 -26.81
C SER A 54 -1.21 -11.87 -25.96
N GLY A 55 -1.20 -11.57 -24.65
CA GLY A 55 -2.29 -12.07 -23.78
C GLY A 55 -3.58 -11.49 -24.32
N LEU A 56 -3.50 -10.29 -24.91
CA LEU A 56 -4.68 -9.70 -25.54
C LEU A 56 -5.17 -10.58 -26.68
N GLU A 57 -4.25 -11.15 -27.46
CA GLU A 57 -4.67 -11.98 -28.60
C GLU A 57 -5.31 -13.28 -28.13
N ILE A 58 -4.74 -13.93 -27.10
CA ILE A 58 -5.36 -15.16 -26.61
C ILE A 58 -6.68 -14.85 -25.93
N ARG A 59 -6.78 -13.70 -25.25
CA ARG A 59 -8.06 -13.27 -24.70
C ARG A 59 -9.08 -13.07 -25.81
N THR A 60 -8.67 -12.48 -26.93
CA THR A 60 -9.58 -12.30 -28.06
C THR A 60 -9.99 -13.64 -28.67
N ILE A 61 -9.07 -14.59 -28.74
CA ILE A 61 -9.43 -15.92 -29.24
C ILE A 61 -10.47 -16.57 -28.34
N LYS A 62 -10.26 -16.51 -27.02
CA LYS A 62 -11.23 -17.08 -26.10
C LYS A 62 -12.58 -16.36 -26.19
N ASP A 63 -12.54 -15.03 -26.30
CA ASP A 63 -13.77 -14.25 -26.45
C ASP A 63 -14.52 -14.65 -27.71
N LEU A 64 -13.81 -14.78 -28.82
CA LEU A 64 -14.44 -15.13 -30.09
C LEU A 64 -15.03 -16.53 -30.04
N LYS A 65 -14.31 -17.47 -29.43
CA LYS A 65 -14.83 -18.83 -29.31
C LYS A 65 -16.10 -18.86 -28.46
N ASP A 66 -16.08 -18.18 -27.31
CA ASP A 66 -17.26 -18.15 -26.46
C ASP A 66 -18.43 -17.47 -27.16
N CYS A 67 -18.16 -16.38 -27.89
CA CYS A 67 -19.22 -15.67 -28.58
C CYS A 67 -19.81 -16.52 -29.71
N GLU A 68 -18.96 -17.19 -30.49
CA GLU A 68 -19.49 -18.02 -31.56
C GLU A 68 -20.32 -19.17 -30.99
N LYS A 69 -19.89 -19.73 -29.85
CA LYS A 69 -20.73 -20.71 -29.18
C LYS A 69 -22.05 -20.10 -28.73
N ASP A 70 -22.02 -18.83 -28.29
CA ASP A 70 -23.23 -18.18 -27.81
C ASP A 70 -24.24 -17.97 -28.93
N ILE A 71 -23.80 -17.43 -30.07
CA ILE A 71 -24.71 -17.30 -31.21
C ILE A 71 -25.11 -18.67 -31.76
N ASP A 72 -24.20 -19.64 -31.69
CA ASP A 72 -24.54 -21.02 -32.12
C ASP A 72 -25.68 -21.52 -31.23
N LYS A 73 -25.54 -21.35 -29.90
CA LYS A 73 -26.63 -21.76 -28.96
C LYS A 73 -27.86 -20.89 -29.26
N ASN A 74 -27.65 -19.61 -29.55
CA ASN A 74 -28.78 -18.71 -29.89
C ASN A 74 -29.48 -19.24 -31.14
N LYS A 75 -28.72 -19.63 -32.16
CA LYS A 75 -29.30 -20.18 -33.41
C LYS A 75 -30.10 -21.44 -33.07
N LYS A 76 -29.54 -22.31 -32.23
CA LYS A 76 -30.24 -23.56 -31.82
C LYS A 76 -31.59 -23.19 -31.19
N GLU A 77 -31.59 -22.23 -30.25
CA GLU A 77 -32.84 -21.79 -29.59
C GLU A 77 -33.82 -21.31 -30.67
N ILE A 78 -33.37 -20.44 -31.57
CA ILE A 78 -34.25 -19.95 -32.68
C ILE A 78 -34.90 -21.15 -33.37
N GLU A 79 -34.08 -22.11 -33.83
CA GLU A 79 -34.61 -23.33 -34.48
C GLU A 79 -35.70 -23.94 -33.59
N LYS A 80 -35.34 -24.39 -32.39
CA LYS A 80 -36.32 -24.98 -31.44
C LYS A 80 -37.64 -24.20 -31.54
N LEU A 81 -37.60 -22.89 -31.26
CA LEU A 81 -38.82 -22.04 -31.33
C LEU A 81 -39.53 -22.31 -32.67
N LYS A 105 -38.40 -13.65 -27.42
CA LYS A 105 -38.93 -14.48 -28.53
C LYS A 105 -37.99 -14.38 -29.73
N ILE A 106 -38.52 -14.54 -30.94
CA ILE A 106 -37.69 -14.42 -32.18
C ILE A 106 -37.10 -13.01 -32.24
N SER A 107 -37.84 -12.01 -31.76
CA SER A 107 -37.34 -10.61 -31.74
C SER A 107 -36.08 -10.54 -30.87
N LEU A 108 -36.16 -11.01 -29.62
CA LEU A 108 -34.98 -11.02 -28.71
C LEU A 108 -33.85 -11.83 -29.37
N VAL A 109 -34.19 -12.91 -30.07
CA VAL A 109 -33.17 -13.75 -30.74
C VAL A 109 -32.40 -12.88 -31.74
N GLU A 110 -33.11 -12.22 -32.66
CA GLU A 110 -32.47 -11.34 -33.66
C GLU A 110 -31.66 -10.25 -32.95
N ASN A 111 -32.19 -9.74 -31.83
CA ASN A 111 -31.48 -8.69 -31.05
C ASN A 111 -30.10 -9.23 -30.63
N LYS A 112 -30.07 -10.36 -29.93
CA LYS A 112 -28.79 -10.97 -29.48
C LYS A 112 -27.90 -11.23 -30.70
N ILE A 113 -28.49 -11.65 -31.82
CA ILE A 113 -27.71 -11.94 -33.06
C ILE A 113 -26.97 -10.65 -33.47
N GLU A 114 -27.69 -9.55 -33.64
CA GLU A 114 -27.07 -8.26 -34.05
C GLU A 114 -26.03 -7.84 -33.01
N ASP A 115 -26.31 -8.09 -31.72
CA ASP A 115 -25.33 -7.77 -30.66
C ASP A 115 -24.05 -8.57 -30.89
N TYR A 116 -24.15 -9.91 -30.85
CA TYR A 116 -22.97 -10.78 -31.08
C TYR A 116 -22.30 -10.40 -32.40
N LYS A 117 -23.10 -10.05 -33.41
CA LYS A 117 -22.55 -9.66 -34.73
C LYS A 117 -21.54 -8.52 -34.54
N LEU A 118 -22.02 -7.35 -34.10
CA LEU A 118 -21.13 -6.18 -33.88
C LEU A 118 -19.98 -6.56 -32.95
N LYS A 119 -20.24 -7.42 -31.95
CA LYS A 119 -19.18 -7.88 -31.03
C LYS A 119 -18.02 -8.46 -31.85
N ILE A 120 -18.27 -9.58 -32.55
CA ILE A 120 -17.23 -10.22 -33.40
C ILE A 120 -16.63 -9.16 -34.32
N VAL A 121 -17.47 -8.31 -34.91
CA VAL A 121 -16.97 -7.23 -35.81
C VAL A 121 -15.80 -6.50 -35.14
N GLU A 122 -16.09 -5.76 -34.06
CA GLU A 122 -15.02 -5.01 -33.33
C GLU A 122 -13.93 -6.00 -32.92
N LEU A 123 -14.33 -7.18 -32.42
CA LEU A 123 -13.38 -8.19 -32.00
C LEU A 123 -12.44 -8.57 -33.14
N ASN A 124 -12.96 -8.63 -34.36
CA ASN A 124 -12.11 -8.94 -35.50
C ASN A 124 -11.12 -7.81 -35.76
N LYS A 125 -11.55 -6.56 -35.56
CA LYS A 125 -10.60 -5.45 -35.65
C LYS A 125 -9.49 -5.60 -34.62
N ILE A 126 -9.85 -5.97 -33.39
CA ILE A 126 -8.85 -6.17 -32.33
C ILE A 126 -7.88 -7.28 -32.74
N LEU A 127 -8.41 -8.39 -33.24
CA LEU A 127 -7.56 -9.52 -33.61
C LEU A 127 -6.63 -9.15 -34.77
N GLU A 128 -7.14 -8.38 -35.74
CA GLU A 128 -6.29 -7.94 -36.84
C GLU A 128 -5.16 -7.05 -36.33
N GLU A 129 -5.47 -6.15 -35.40
CA GLU A 129 -4.43 -5.24 -34.92
C GLU A 129 -3.43 -5.94 -34.02
N THR A 130 -3.83 -7.00 -33.32
CA THR A 130 -2.91 -7.70 -32.44
C THR A 130 -2.10 -8.77 -33.15
N GLN A 131 -2.38 -9.05 -34.42
CA GLN A 131 -1.62 -10.05 -35.16
C GLN A 131 -0.60 -9.46 -36.11
N LYS A 132 -0.36 -8.15 -36.05
CA LYS A 132 0.55 -7.52 -36.99
C LYS A 132 2.00 -8.00 -36.84
N GLU A 133 2.40 -8.41 -35.63
CA GLU A 133 3.72 -8.99 -35.39
C GLU A 133 4.85 -8.05 -35.82
N ARG A 134 4.90 -6.86 -35.23
CA ARG A 134 5.94 -5.90 -35.58
C ARG A 134 7.20 -6.12 -34.76
N MET A 135 7.07 -6.62 -33.53
CA MET A 135 8.21 -6.85 -32.65
C MET A 135 7.89 -7.97 -31.68
N ASP A 136 8.95 -8.63 -31.20
CA ASP A 136 8.83 -9.58 -30.10
C ASP A 136 9.30 -8.92 -28.80
N ILE A 137 8.51 -7.95 -28.35
CA ILE A 137 8.92 -7.09 -27.24
C ILE A 137 9.02 -7.91 -25.95
N GLN A 138 8.05 -8.79 -25.72
CA GLN A 138 8.01 -9.57 -24.49
C GLN A 138 9.30 -10.35 -24.29
N LYS A 139 9.73 -11.10 -25.31
CA LYS A 139 10.91 -11.94 -25.15
C LYS A 139 12.18 -11.13 -25.02
N GLU A 140 12.34 -10.06 -25.80
CA GLU A 140 13.55 -9.25 -25.67
C GLU A 140 13.66 -8.66 -24.27
N PHE A 141 12.55 -8.14 -23.74
CA PHE A 141 12.60 -7.57 -22.40
C PHE A 141 12.85 -8.64 -21.35
N LYS A 142 12.17 -9.78 -21.47
CA LYS A 142 12.30 -10.85 -20.50
C LYS A 142 13.75 -11.35 -20.42
N GLU A 143 14.39 -11.50 -21.58
CA GLU A 143 15.77 -11.97 -21.56
C GLU A 143 16.74 -10.87 -21.11
N LYS A 144 16.53 -9.63 -21.57
CA LYS A 144 17.53 -8.60 -21.34
C LYS A 144 17.51 -8.05 -19.93
N TYR A 145 16.34 -7.87 -19.31
CA TYR A 145 16.33 -7.25 -17.99
C TYR A 145 15.82 -8.16 -16.88
N VAL A 146 14.59 -8.67 -17.03
CA VAL A 146 13.91 -9.28 -15.89
C VAL A 146 14.58 -10.58 -15.46
N ASP A 147 15.00 -11.42 -16.40
CA ASP A 147 15.69 -12.65 -16.01
C ASP A 147 17.06 -12.41 -15.42
N ASP A 148 17.63 -11.22 -15.61
CA ASP A 148 18.91 -10.85 -15.04
C ASP A 148 18.81 -9.55 -14.25
N LEU A 149 17.76 -9.40 -13.45
CA LEU A 149 17.60 -8.18 -12.66
C LEU A 149 18.68 -8.07 -11.59
N TYR A 150 19.17 -9.21 -11.11
CA TYR A 150 20.24 -9.20 -10.12
C TYR A 150 21.42 -8.37 -10.60
N GLN A 151 21.90 -8.64 -11.81
CA GLN A 151 23.08 -7.94 -12.32
C GLN A 151 22.73 -6.52 -12.72
N VAL A 152 21.49 -6.28 -13.18
CA VAL A 152 21.10 -4.93 -13.60
C VAL A 152 21.10 -3.99 -12.41
N LEU A 153 20.72 -4.49 -11.23
CA LEU A 153 20.72 -3.66 -10.04
C LEU A 153 22.10 -3.14 -9.69
N ASP A 154 23.17 -3.76 -10.21
CA ASP A 154 24.52 -3.34 -9.91
C ASP A 154 24.85 -1.97 -10.46
N LYS A 155 23.94 -1.31 -11.19
CA LYS A 155 24.22 0.03 -11.68
C LYS A 155 24.33 1.03 -10.54
N ILE A 156 23.74 0.73 -9.39
CA ILE A 156 23.89 1.54 -8.19
C ILE A 156 24.98 0.92 -7.32
N PRO A 157 25.96 1.69 -6.87
CA PRO A 157 27.15 1.11 -6.19
C PRO A 157 26.88 0.57 -4.79
N PHE A 158 26.36 -0.64 -4.73
CA PHE A 158 26.25 -1.34 -3.45
C PHE A 158 27.63 -1.54 -2.85
N LYS A 159 27.88 -0.91 -1.71
CA LYS A 159 29.16 -1.11 -1.03
C LYS A 159 29.32 -2.55 -0.58
N HIS A 160 28.26 -3.13 -0.01
CA HIS A 160 28.19 -4.55 0.25
C HIS A 160 27.33 -5.15 -0.86
N LEU A 161 27.91 -6.09 -1.62
CA LEU A 161 27.25 -6.54 -2.84
C LEU A 161 26.20 -7.60 -2.60
N ASP A 162 26.15 -8.21 -1.42
CA ASP A 162 25.20 -9.30 -1.22
C ASP A 162 23.79 -8.83 -0.93
N ASN A 163 23.60 -7.54 -0.63
CA ASN A 163 22.26 -7.03 -0.35
C ASN A 163 21.34 -7.18 -1.54
N LYS A 164 21.88 -7.37 -2.75
CA LYS A 164 21.03 -7.55 -3.92
C LYS A 164 20.05 -8.69 -3.71
N SER A 165 20.48 -9.77 -3.06
CA SER A 165 19.60 -10.92 -2.87
C SER A 165 18.41 -10.57 -2.00
N LEU A 166 18.64 -9.79 -0.93
CA LEU A 166 17.55 -9.37 -0.07
C LEU A 166 16.55 -8.49 -0.83
N VAL A 167 17.06 -7.51 -1.58
CA VAL A 167 16.19 -6.60 -2.31
C VAL A 167 15.37 -7.38 -3.35
N THR A 168 16.02 -8.27 -4.09
CA THR A 168 15.30 -9.00 -5.13
C THR A 168 14.28 -9.97 -4.53
N GLN A 169 14.60 -10.59 -3.40
CA GLN A 169 13.63 -11.47 -2.76
C GLN A 169 12.41 -10.67 -2.30
N ARG A 170 12.65 -9.54 -1.63
CA ARG A 170 11.54 -8.72 -1.16
C ARG A 170 10.68 -8.23 -2.31
N ILE A 171 11.32 -7.78 -3.40
CA ILE A 171 10.57 -7.26 -4.53
C ILE A 171 9.75 -8.35 -5.20
N LYS A 172 10.35 -9.53 -5.40
CA LYS A 172 9.63 -10.61 -6.04
C LYS A 172 8.42 -11.05 -5.21
N ALA A 173 8.56 -11.09 -3.89
CA ALA A 173 7.39 -11.44 -3.08
C ALA A 173 6.34 -10.33 -3.08
N ASP A 174 6.79 -9.08 -3.00
CA ASP A 174 5.86 -7.96 -2.90
C ASP A 174 5.02 -7.81 -4.16
N ILE A 175 5.64 -7.96 -5.34
CA ILE A 175 4.86 -7.83 -6.57
C ILE A 175 3.83 -8.92 -6.68
N LYS A 176 4.16 -10.14 -6.26
CA LYS A 176 3.18 -11.22 -6.32
C LYS A 176 2.00 -10.96 -5.41
N SER A 177 2.28 -10.51 -4.18
CA SER A 177 1.19 -10.22 -3.25
C SER A 177 0.33 -9.05 -3.75
N ASP A 178 0.96 -7.98 -4.24
CA ASP A 178 0.22 -6.83 -4.72
C ASP A 178 -0.61 -7.18 -5.95
N LYS A 179 -0.09 -8.05 -6.82
CA LYS A 179 -0.87 -8.53 -7.95
C LYS A 179 -2.07 -9.34 -7.49
N SER A 180 -1.87 -10.21 -6.49
CA SER A 180 -2.99 -10.95 -5.94
C SER A 180 -4.04 -10.05 -5.32
N ASN A 181 -3.65 -8.87 -4.83
CA ASN A 181 -4.60 -7.94 -4.24
C ASN A 181 -5.49 -7.26 -5.27
N GLY A 182 -5.07 -7.21 -6.54
CA GLY A 182 -5.88 -6.55 -7.55
C GLY A 182 -5.19 -5.35 -8.18
N LEU A 183 -3.87 -5.43 -8.32
CA LEU A 183 -3.11 -4.32 -8.90
C LEU A 183 -3.51 -4.07 -10.34
N LEU A 184 -3.70 -5.13 -11.13
CA LEU A 184 -3.85 -4.97 -12.58
C LEU A 184 -5.16 -4.28 -12.93
N LYS A 185 -6.24 -4.59 -12.21
CA LYS A 185 -7.56 -4.12 -12.59
C LYS A 185 -7.72 -2.62 -12.47
N GLY A 186 -6.80 -1.93 -11.81
CA GLY A 186 -6.90 -0.49 -11.64
C GLY A 186 -7.40 -0.04 -10.29
N GLU A 187 -7.52 -0.94 -9.31
CA GLU A 187 -8.00 -0.56 -7.99
C GLU A 187 -6.95 0.23 -7.22
N ARG A 188 -5.69 -0.24 -7.24
CA ARG A 188 -4.65 0.31 -6.39
C ARG A 188 -3.44 0.69 -7.22
N SER A 189 -2.61 1.56 -6.65
CA SER A 189 -1.45 2.10 -7.33
C SER A 189 -0.21 1.23 -7.05
N ILE A 190 0.89 1.60 -7.68
CA ILE A 190 2.16 0.89 -7.54
C ILE A 190 2.92 1.47 -6.36
N ARG A 191 3.61 0.60 -5.63
CA ARG A 191 4.28 0.99 -4.40
C ARG A 191 5.39 2.01 -4.68
N ASN A 192 5.59 2.91 -3.72
CA ASN A 192 6.41 4.11 -3.89
C ASN A 192 7.32 4.32 -2.69
N TYR A 193 8.09 3.28 -2.33
CA TYR A 193 8.93 3.27 -1.13
C TYR A 193 9.62 4.61 -0.87
N LYS A 194 9.64 5.00 0.39
CA LYS A 194 10.14 6.29 0.83
C LYS A 194 11.54 6.15 1.44
N ARG A 195 12.24 7.29 1.52
CA ARG A 195 13.64 7.31 1.94
C ARG A 195 13.84 6.82 3.37
N ASN A 196 12.79 6.83 4.19
CA ASN A 196 12.92 6.38 5.57
C ASN A 196 13.10 4.87 5.70
N PHE A 197 13.11 4.14 4.60
CA PHE A 197 13.11 2.68 4.66
C PHE A 197 14.36 2.20 5.40
N PRO A 198 14.23 1.36 6.41
CA PRO A 198 15.40 0.93 7.19
C PRO A 198 16.31 0.01 6.38
N LEU A 199 17.57 -0.02 6.78
CA LEU A 199 18.52 -0.98 6.22
C LEU A 199 18.13 -2.40 6.63
N MET A 200 18.56 -3.37 5.84
CA MET A 200 18.27 -4.77 6.12
C MET A 200 19.56 -5.54 6.31
N THR A 201 19.48 -6.61 7.10
CA THR A 201 20.61 -7.47 7.38
C THR A 201 20.17 -8.92 7.24
N ARG A 202 21.12 -9.80 6.95
CA ARG A 202 20.81 -11.21 6.82
C ARG A 202 20.59 -11.84 8.19
N GLY A 203 20.07 -13.07 8.17
CA GLY A 203 19.84 -13.78 9.41
C GLY A 203 21.13 -14.17 10.12
N ARG A 204 21.92 -15.04 9.48
CA ARG A 204 23.19 -15.46 10.06
C ARG A 204 24.32 -14.45 9.83
N ASP A 205 23.96 -13.17 9.77
CA ASP A 205 24.93 -12.10 9.56
C ASP A 205 25.21 -11.35 10.86
N LEU A 206 24.61 -11.78 11.97
CA LEU A 206 24.76 -11.14 13.27
C LEU A 206 25.23 -12.21 14.25
N LYS A 207 26.44 -12.04 14.79
CA LYS A 207 27.01 -13.00 15.73
C LYS A 207 27.18 -12.33 17.08
N PHE A 208 26.61 -12.93 18.12
CA PHE A 208 26.72 -12.43 19.48
C PHE A 208 27.87 -13.13 20.18
N LYS A 209 28.71 -12.36 20.85
CA LYS A 209 29.84 -12.92 21.59
C LYS A 209 30.17 -12.08 22.82
N TYR A 210 30.41 -12.74 23.95
CA TYR A 210 30.73 -12.05 25.18
C TYR A 210 32.06 -11.32 25.06
N ASP A 211 32.18 -10.21 25.76
CA ASP A 211 33.40 -9.41 25.76
C ASP A 211 34.13 -9.56 27.09
N ASP A 212 35.36 -9.06 27.12
CA ASP A 212 36.15 -9.12 28.35
C ASP A 212 35.52 -8.30 29.46
N ASN A 213 35.03 -7.10 29.13
CA ASN A 213 34.32 -6.27 30.09
C ASN A 213 32.90 -6.75 30.36
N ASP A 214 32.56 -7.95 29.90
CA ASP A 214 31.25 -8.56 30.03
C ASP A 214 30.15 -7.75 29.33
N ASP A 215 30.50 -6.98 28.29
CA ASP A 215 29.51 -6.36 27.44
C ASP A 215 28.94 -7.41 26.49
N ILE A 216 28.10 -6.98 25.56
CA ILE A 216 27.61 -7.83 24.49
C ILE A 216 28.05 -7.22 23.17
N GLU A 217 28.82 -7.98 22.39
CA GLU A 217 29.38 -7.49 21.15
C GLU A 217 28.81 -8.27 19.97
N ILE A 218 28.45 -7.53 18.92
CA ILE A 218 27.95 -8.09 17.68
C ILE A 218 28.97 -7.83 16.59
N LYS A 219 29.32 -8.88 15.84
CA LYS A 219 30.20 -8.75 14.69
C LYS A 219 29.36 -8.52 13.46
N TRP A 220 29.59 -7.40 12.78
CA TRP A 220 28.87 -7.03 11.58
C TRP A 220 29.87 -6.71 10.49
N MET A 221 29.70 -7.39 9.36
CA MET A 221 30.58 -7.32 8.20
C MET A 221 30.93 -5.95 7.62
N GLU A 222 32.01 -5.95 6.85
CA GLU A 222 32.51 -4.77 6.16
C GLU A 222 32.68 -3.53 7.01
N GLY A 223 33.36 -3.63 8.15
CA GLY A 223 33.57 -2.44 8.94
C GLY A 223 33.83 -2.71 10.41
N ILE A 224 33.06 -2.06 11.28
CA ILE A 224 33.27 -2.12 12.72
C ILE A 224 32.13 -2.85 13.40
N LYS A 225 32.47 -3.60 14.43
CA LYS A 225 31.56 -4.36 15.26
C LYS A 225 30.71 -3.43 16.13
N PHE A 226 29.70 -4.03 16.78
CA PHE A 226 28.71 -3.30 17.56
C PHE A 226 28.64 -3.82 18.99
N LYS A 227 28.56 -2.90 19.94
CA LYS A 227 28.32 -3.23 21.34
C LYS A 227 26.85 -2.97 21.67
N VAL A 228 26.33 -3.76 22.59
CA VAL A 228 24.95 -3.58 23.04
C VAL A 228 24.94 -2.74 24.31
N ILE A 229 24.31 -1.57 24.24
CA ILE A 229 24.08 -0.80 25.45
C ILE A 229 23.03 -1.52 26.28
N LEU A 230 23.41 -1.98 27.47
CA LEU A 230 22.57 -2.88 28.23
C LEU A 230 22.49 -2.38 29.67
N GLY A 231 22.34 -1.07 29.84
CA GLY A 231 22.22 -0.46 31.14
C GLY A 231 23.57 -0.23 31.79
N ASN A 232 23.55 0.55 32.87
CA ASN A 232 24.73 0.74 33.70
C ASN A 232 24.66 -0.08 34.97
N ARG A 233 23.45 -0.32 35.46
CA ARG A 233 23.22 -1.15 36.63
C ARG A 233 22.31 -2.32 36.26
N ILE A 234 22.74 -3.54 36.58
CA ILE A 234 22.06 -4.72 36.05
C ILE A 234 20.81 -5.08 36.84
N LYS A 235 20.41 -4.25 37.80
CA LYS A 235 19.22 -4.58 38.58
C LYS A 235 17.96 -4.52 37.74
N ASN A 236 17.87 -3.56 36.82
CA ASN A 236 16.62 -3.21 36.16
C ASN A 236 16.54 -3.69 34.72
N SER A 237 17.50 -4.49 34.26
CA SER A 237 17.49 -4.93 32.87
C SER A 237 17.79 -6.41 32.75
N LEU A 238 17.23 -7.21 33.65
CA LEU A 238 17.51 -8.64 33.61
C LEU A 238 16.79 -9.33 32.46
N GLU A 239 15.70 -8.75 31.97
CA GLU A 239 14.92 -9.42 30.93
C GLU A 239 15.68 -9.44 29.60
N LEU A 240 16.33 -8.33 29.25
CA LEU A 240 17.12 -8.28 28.02
C LEU A 240 18.29 -9.25 28.10
N ARG A 241 18.92 -9.33 29.27
CA ARG A 241 20.06 -10.23 29.43
C ARG A 241 19.65 -11.67 29.20
N HIS A 242 18.47 -12.06 29.71
CA HIS A 242 18.01 -13.43 29.50
C HIS A 242 17.78 -13.72 28.02
N THR A 243 17.16 -12.77 27.31
CA THR A 243 16.90 -13.00 25.88
C THR A 243 18.20 -13.09 25.10
N LEU A 244 19.14 -12.18 25.37
CA LEU A 244 20.42 -12.23 24.67
C LEU A 244 21.17 -13.51 24.99
N HIS A 245 21.10 -13.98 26.23
CA HIS A 245 21.72 -15.25 26.58
C HIS A 245 21.08 -16.39 25.80
N LYS A 246 19.74 -16.45 25.79
CA LYS A 246 19.06 -17.51 25.05
C LYS A 246 19.43 -17.47 23.57
N VAL A 247 19.67 -16.28 23.05
CA VAL A 247 20.16 -16.16 21.67
C VAL A 247 21.57 -16.74 21.55
N ILE A 248 22.43 -16.43 22.52
CA ILE A 248 23.83 -16.86 22.45
C ILE A 248 23.92 -18.38 22.47
N GLU A 249 23.20 -19.03 23.37
CA GLU A 249 23.13 -20.49 23.31
C GLU A 249 22.24 -21.00 22.19
N GLY A 250 21.58 -20.12 21.44
CA GLY A 250 20.85 -20.51 20.26
C GLY A 250 19.46 -21.05 20.50
N LYS A 251 18.93 -20.95 21.73
CA LYS A 251 17.55 -21.37 21.96
C LYS A 251 16.58 -20.50 21.18
N TYR A 252 16.84 -19.20 21.11
CA TYR A 252 15.99 -18.26 20.39
C TYR A 252 16.62 -18.02 19.03
N LYS A 253 16.05 -18.62 17.99
CA LYS A 253 16.59 -18.45 16.65
C LYS A 253 16.50 -16.99 16.23
N ILE A 254 17.53 -16.53 15.53
CA ILE A 254 17.58 -15.17 15.00
C ILE A 254 17.12 -15.20 13.55
N CYS A 255 16.31 -14.23 13.16
CA CYS A 255 15.84 -14.08 11.79
C CYS A 255 16.29 -12.73 11.25
N ASP A 256 15.79 -12.40 10.06
CA ASP A 256 16.18 -11.16 9.41
C ASP A 256 15.77 -9.96 10.25
N SER A 257 16.68 -9.01 10.40
CA SER A 257 16.53 -7.86 11.27
C SER A 257 16.59 -6.57 10.43
N SER A 258 16.70 -5.44 11.11
CA SER A 258 16.85 -4.17 10.42
C SER A 258 17.59 -3.20 11.32
N LEU A 259 18.14 -2.15 10.71
CA LEU A 259 18.83 -1.09 11.42
C LEU A 259 18.20 0.24 11.02
N GLN A 260 17.87 1.06 12.03
CA GLN A 260 17.26 2.35 11.74
C GLN A 260 17.69 3.36 12.78
N PHE A 261 17.88 4.60 12.33
CA PHE A 261 18.20 5.70 13.20
C PHE A 261 16.92 6.33 13.74
N ASP A 262 16.95 6.75 15.00
CA ASP A 262 15.88 7.57 15.53
C ASP A 262 16.06 9.02 15.07
N LYS A 263 15.18 9.89 15.54
CA LYS A 263 15.36 11.31 15.28
C LYS A 263 16.56 11.88 16.00
N ASN A 264 17.16 11.13 16.93
CA ASN A 264 18.32 11.58 17.69
C ASN A 264 19.59 10.80 17.32
N ASN A 265 19.63 10.21 16.14
CA ASN A 265 20.82 9.57 15.60
C ASN A 265 21.34 8.45 16.50
N ASN A 266 20.43 7.77 17.20
CA ASN A 266 20.80 6.62 18.01
C ASN A 266 20.50 5.36 17.22
N LEU A 267 21.53 4.55 16.97
CA LEU A 267 21.36 3.35 16.16
C LEU A 267 20.55 2.33 16.94
N ILE A 268 19.46 1.85 16.34
CA ILE A 268 18.56 0.88 16.97
C ILE A 268 18.37 -0.29 16.04
N LEU A 269 18.54 -1.49 16.56
CA LEU A 269 18.50 -2.72 15.78
C LEU A 269 17.23 -3.49 16.12
N ASN A 270 16.31 -3.59 15.16
CA ASN A 270 15.06 -4.32 15.36
C ASN A 270 15.36 -5.82 15.33
N LEU A 271 15.99 -6.29 16.40
CA LEU A 271 16.31 -7.71 16.52
C LEU A 271 15.04 -8.54 16.48
N THR A 272 14.89 -9.36 15.45
CA THR A 272 13.71 -10.19 15.26
C THR A 272 14.00 -11.60 15.71
N LEU A 273 13.19 -12.12 16.62
CA LEU A 273 13.37 -13.45 17.18
C LEU A 273 12.23 -14.35 16.77
N ASP A 274 12.55 -15.60 16.47
CA ASP A 274 11.56 -16.63 16.16
C ASP A 274 11.53 -17.59 17.35
N ILE A 275 10.76 -17.23 18.35
CA ILE A 275 10.72 -18.00 19.59
C ILE A 275 9.85 -19.24 19.38
N PRO A 276 10.34 -20.43 19.72
CA PRO A 276 9.48 -21.62 19.69
C PRO A 276 8.59 -21.64 20.93
N ILE A 277 7.29 -21.71 20.71
CA ILE A 277 6.31 -21.69 21.79
C ILE A 277 5.90 -23.12 22.07
N ASP A 278 6.25 -23.63 23.25
CA ASP A 278 5.94 -25.00 23.63
C ASP A 278 5.39 -25.13 25.05
N ILE A 279 5.14 -24.02 25.73
CA ILE A 279 4.55 -24.08 27.06
C ILE A 279 3.12 -24.61 26.99
N VAL A 280 2.70 -25.29 28.04
CA VAL A 280 1.38 -25.88 28.13
C VAL A 280 0.64 -25.24 29.29
N ASN A 281 -0.56 -24.73 29.03
CA ASN A 281 -1.42 -24.13 30.04
C ASN A 281 -2.78 -24.78 29.94
N LYS A 282 -3.10 -25.66 30.89
CA LYS A 282 -4.40 -26.31 30.90
C LYS A 282 -5.49 -25.29 31.15
N LYS A 283 -6.61 -25.45 30.45
CA LYS A 283 -7.70 -24.49 30.48
C LYS A 283 -9.01 -25.20 30.77
N VAL A 284 -9.90 -24.52 31.51
CA VAL A 284 -11.22 -25.07 31.78
C VAL A 284 -12.04 -25.04 30.50
N SER A 285 -12.66 -26.18 30.17
CA SER A 285 -13.39 -26.32 28.92
C SER A 285 -14.64 -25.45 28.95
N GLY A 286 -14.73 -24.50 28.02
CA GLY A 286 -15.89 -23.65 27.88
C GLY A 286 -15.86 -22.37 28.67
N ARG A 287 -14.88 -22.18 29.55
CA ARG A 287 -14.81 -20.96 30.33
C ARG A 287 -14.36 -19.82 29.43
N VAL A 288 -15.16 -18.75 29.36
CA VAL A 288 -14.89 -17.64 28.48
C VAL A 288 -14.99 -16.36 29.30
N VAL A 289 -14.45 -15.27 28.74
CA VAL A 289 -14.48 -13.97 29.40
C VAL A 289 -15.13 -12.97 28.45
N GLY A 290 -15.43 -11.80 28.98
CA GLY A 290 -16.04 -10.74 28.19
C GLY A 290 -15.53 -9.37 28.60
N VAL A 291 -15.44 -8.45 27.65
CA VAL A 291 -14.88 -7.13 27.90
C VAL A 291 -15.88 -6.08 27.43
N ASP A 292 -15.82 -4.90 28.04
CA ASP A 292 -16.66 -3.79 27.63
C ASP A 292 -15.95 -2.48 27.93
N LEU A 293 -16.36 -1.42 27.24
CA LEU A 293 -15.73 -0.11 27.38
C LEU A 293 -16.73 0.85 28.03
N GLY A 294 -16.75 0.84 29.35
CA GLY A 294 -17.65 1.71 30.08
C GLY A 294 -17.14 3.15 30.14
N LEU A 295 -17.98 4.01 30.72
CA LEU A 295 -17.63 5.41 30.90
C LEU A 295 -16.87 5.68 32.19
N LYS A 296 -16.70 4.66 33.03
CA LYS A 296 -15.91 4.77 34.25
C LYS A 296 -14.72 3.83 34.29
N ILE A 297 -14.75 2.74 33.54
CA ILE A 297 -13.64 1.82 33.42
C ILE A 297 -13.24 1.80 31.95
N PRO A 298 -11.99 2.12 31.61
CA PRO A 298 -11.58 2.02 30.21
C PRO A 298 -11.79 0.63 29.61
N ALA A 299 -11.61 -0.43 30.40
CA ALA A 299 -11.94 -1.77 29.92
C ALA A 299 -12.19 -2.65 31.14
N TYR A 300 -13.47 -2.84 31.47
CA TYR A 300 -13.86 -3.72 32.55
C TYR A 300 -14.09 -5.11 31.98
N CYS A 301 -14.03 -6.13 32.84
CA CYS A 301 -14.16 -7.49 32.36
C CYS A 301 -14.66 -8.39 33.48
N ALA A 302 -15.08 -9.60 33.11
CA ALA A 302 -15.54 -10.61 34.05
C ALA A 302 -15.52 -11.98 33.38
N LEU A 303 -15.92 -12.98 34.15
CA LEU A 303 -15.96 -14.37 33.68
C LEU A 303 -17.34 -14.76 33.20
N ASN A 304 -17.52 -16.05 32.95
CA ASN A 304 -18.78 -16.62 32.51
C ASN A 304 -19.33 -17.66 33.46
N ASP A 305 -18.52 -18.60 33.91
CA ASP A 305 -19.00 -19.72 34.71
C ASP A 305 -18.90 -19.48 36.22
N TYR A 308 -18.31 -14.58 41.16
CA TYR A 308 -17.56 -13.67 42.02
C TYR A 308 -16.14 -13.42 41.54
N ILE A 309 -15.96 -13.21 40.24
CA ILE A 309 -14.65 -12.92 39.67
C ILE A 309 -14.78 -11.71 38.76
N LYS A 310 -13.91 -10.72 38.95
CA LYS A 310 -13.89 -9.53 38.12
C LYS A 310 -12.52 -8.88 38.26
N LYS A 311 -12.21 -7.99 37.32
CA LYS A 311 -10.96 -7.24 37.41
C LYS A 311 -11.08 -5.96 36.61
N SER A 312 -11.29 -4.85 37.29
CA SER A 312 -11.17 -3.56 36.63
C SER A 312 -9.74 -3.34 36.16
N ILE A 313 -9.59 -2.65 35.04
CA ILE A 313 -8.28 -2.49 34.44
C ILE A 313 -7.85 -1.03 34.47
N GLY A 314 -8.56 -0.18 33.77
CA GLY A 314 -8.16 1.19 33.62
C GLY A 314 -8.60 2.07 34.77
N ARG A 315 -8.10 3.30 34.77
CA ARG A 315 -8.46 4.32 35.74
C ARG A 315 -8.67 5.64 35.00
N ILE A 316 -9.79 6.30 35.29
CA ILE A 316 -10.12 7.54 34.60
C ILE A 316 -9.10 8.61 34.93
N ASP A 317 -8.77 8.74 36.21
CA ASP A 317 -7.94 9.79 36.78
C ASP A 317 -6.50 9.77 36.30
N ASP A 318 -6.14 8.87 35.38
CA ASP A 318 -4.84 8.90 34.73
C ASP A 318 -4.99 9.20 33.24
N PHE A 319 -5.80 8.39 32.55
CA PHE A 319 -5.96 8.54 31.11
C PHE A 319 -6.57 9.89 30.75
N LEU A 320 -7.70 10.23 31.37
CA LEU A 320 -8.40 11.45 31.00
C LEU A 320 -7.66 12.70 31.46
N LYS A 321 -6.68 12.55 32.34
CA LYS A 321 -5.90 13.69 32.81
C LYS A 321 -4.59 13.87 32.05
N VAL A 322 -4.06 12.80 31.45
CA VAL A 322 -2.85 12.97 30.65
C VAL A 322 -3.21 13.29 29.20
N ARG A 323 -4.24 12.63 28.63
CA ARG A 323 -4.60 12.93 27.26
C ARG A 323 -5.11 14.35 27.13
N THR A 324 -5.76 14.87 28.17
CA THR A 324 -6.28 16.23 28.12
C THR A 324 -5.15 17.24 27.93
N GLN A 325 -4.12 17.16 28.77
CA GLN A 325 -2.99 18.09 28.62
C GLN A 325 -2.23 17.83 27.33
N MET A 326 -2.14 16.56 26.89
CA MET A 326 -1.47 16.27 25.63
C MET A 326 -2.14 17.00 24.46
N GLN A 327 -3.45 16.81 24.30
CA GLN A 327 -4.15 17.47 23.22
C GLN A 327 -4.18 18.97 23.41
N SER A 328 -4.23 19.44 24.66
CA SER A 328 -4.25 20.87 24.91
C SER A 328 -2.97 21.53 24.41
N ARG A 329 -1.81 20.93 24.73
CA ARG A 329 -0.56 21.54 24.31
C ARG A 329 -0.33 21.34 22.82
N ARG A 330 -0.87 20.24 22.26
CA ARG A 330 -0.87 20.09 20.81
C ARG A 330 -1.60 21.25 20.15
N ARG A 331 -2.80 21.56 20.64
CA ARG A 331 -3.57 22.66 20.06
C ARG A 331 -2.88 23.99 20.30
N ARG A 332 -2.22 24.15 21.45
CA ARG A 332 -1.45 25.36 21.70
C ARG A 332 -0.38 25.56 20.65
N LEU A 333 0.38 24.51 20.34
CA LEU A 333 1.43 24.65 19.33
C LEU A 333 0.82 24.82 17.94
N GLN A 334 -0.35 24.22 17.69
CA GLN A 334 -1.04 24.46 16.43
C GLN A 334 -1.39 25.93 16.27
N ILE A 335 -1.93 26.54 17.33
CA ILE A 335 -2.25 27.97 17.30
C ILE A 335 -0.98 28.79 17.11
N ALA A 336 0.10 28.39 17.77
CA ALA A 336 1.36 29.12 17.63
C ALA A 336 1.87 29.08 16.20
N ILE A 337 1.84 27.90 15.57
CA ILE A 337 2.39 27.78 14.22
C ILE A 337 1.51 28.51 13.22
N GLN A 338 0.19 28.42 13.37
CA GLN A 338 -0.68 29.13 12.44
C GLN A 338 -0.59 30.65 12.63
N SER A 339 -0.37 31.11 13.86
CA SER A 339 -0.22 32.54 14.10
C SER A 339 1.07 33.07 13.47
N ALA A 340 2.16 32.31 13.60
CA ALA A 340 3.43 32.77 13.06
C ALA A 340 3.43 32.72 11.54
N LYS A 341 4.15 33.66 10.93
CA LYS A 341 4.27 33.72 9.48
C LYS A 341 5.18 32.58 9.03
N GLY A 342 4.58 31.45 8.69
CA GLY A 342 5.32 30.27 8.29
C GLY A 342 5.89 29.45 9.43
N GLY A 343 5.83 29.95 10.67
CA GLY A 343 6.40 29.26 11.81
C GLY A 343 7.89 29.03 11.64
N LYS A 344 8.58 30.04 11.11
CA LYS A 344 9.98 29.96 10.73
C LYS A 344 10.25 28.86 9.71
N GLY A 345 9.20 28.29 9.13
CA GLY A 345 9.36 27.35 8.05
C GLY A 345 9.74 25.95 8.48
N ARG A 346 10.47 25.29 7.58
CA ARG A 346 10.62 23.84 7.62
C ARG A 346 11.21 23.37 8.94
N VAL A 347 12.18 24.09 9.49
CA VAL A 347 12.86 23.62 10.71
C VAL A 347 11.84 23.39 11.82
N ASN A 348 11.15 24.46 12.25
CA ASN A 348 10.22 24.34 13.36
C ASN A 348 9.00 23.50 12.99
N LYS A 349 8.50 23.66 11.75
CA LYS A 349 7.36 22.86 11.34
C LYS A 349 7.65 21.38 11.44
N LEU A 350 8.75 20.93 10.84
CA LEU A 350 9.11 19.52 10.86
C LEU A 350 9.39 19.04 12.28
N GLN A 351 10.10 19.86 13.08
CA GLN A 351 10.39 19.47 14.45
C GLN A 351 9.12 19.22 15.23
N ALA A 352 8.20 20.20 15.22
CA ALA A 352 6.95 20.04 15.96
C ALA A 352 6.15 18.86 15.44
N LEU A 353 6.05 18.74 14.12
CA LEU A 353 5.27 17.66 13.53
C LEU A 353 5.78 16.30 13.96
N GLU A 354 7.07 16.05 13.77
CA GLU A 354 7.62 14.74 14.11
C GLU A 354 7.55 14.49 15.61
N ARG A 355 7.86 15.50 16.43
CA ARG A 355 7.84 15.30 17.87
C ARG A 355 6.46 14.90 18.36
N PHE A 356 5.44 15.68 18.00
CA PHE A 356 4.09 15.32 18.45
C PHE A 356 3.62 14.01 17.83
N ALA A 357 3.92 13.77 16.55
CA ALA A 357 3.48 12.53 15.93
C ALA A 357 4.00 11.33 16.71
N GLU A 358 5.32 11.29 16.93
CA GLU A 358 5.89 10.17 17.67
C GLU A 358 5.35 10.11 19.09
N LYS A 359 5.27 11.25 19.78
CA LYS A 359 4.83 11.23 21.17
C LYS A 359 3.43 10.64 21.30
N GLU A 360 2.48 11.13 20.50
CA GLU A 360 1.11 10.65 20.62
C GLU A 360 0.98 9.22 20.15
N LYS A 361 1.64 8.85 19.05
CA LYS A 361 1.51 7.48 18.57
C LYS A 361 2.09 6.50 19.57
N ASN A 362 3.24 6.81 20.16
CA ASN A 362 3.81 5.91 21.16
C ASN A 362 3.00 5.89 22.45
N PHE A 363 2.40 7.01 22.85
CA PHE A 363 1.53 7.00 24.02
C PHE A 363 0.34 6.07 23.80
N ALA A 364 -0.29 6.18 22.62
CA ALA A 364 -1.41 5.30 22.32
C ALA A 364 -0.97 3.84 22.27
N LYS A 365 0.20 3.59 21.68
CA LYS A 365 0.72 2.23 21.62
C LYS A 365 0.95 1.65 23.01
N THR A 366 1.52 2.47 23.90
CA THR A 366 1.78 2.01 25.27
C THR A 366 0.49 1.70 26.00
N TYR A 367 -0.51 2.57 25.89
CA TYR A 367 -1.75 2.34 26.62
C TYR A 367 -2.49 1.13 26.06
N ASN A 368 -2.43 0.93 24.75
CA ASN A 368 -3.04 -0.27 24.17
C ASN A 368 -2.34 -1.53 24.66
N HIS A 369 -1.01 -1.50 24.74
CA HIS A 369 -0.29 -2.60 25.38
C HIS A 369 -0.79 -2.82 26.80
N PHE A 370 -0.96 -1.74 27.56
CA PHE A 370 -1.38 -1.87 28.95
C PHE A 370 -2.72 -2.60 29.05
N LEU A 371 -3.70 -2.13 28.28
CA LEU A 371 -5.04 -2.73 28.32
C LEU A 371 -5.02 -4.18 27.87
N SER A 372 -4.42 -4.45 26.70
CA SER A 372 -4.41 -5.82 26.18
C SER A 372 -3.65 -6.76 27.09
N SER A 373 -2.51 -6.32 27.61
CA SER A 373 -1.72 -7.15 28.50
C SER A 373 -2.46 -7.48 29.78
N ASN A 374 -3.15 -6.49 30.36
CA ASN A 374 -3.95 -6.78 31.54
C ASN A 374 -5.05 -7.78 31.24
N ILE A 375 -5.73 -7.61 30.10
CA ILE A 375 -6.81 -8.52 29.76
C ILE A 375 -6.28 -9.95 29.64
N VAL A 376 -5.18 -10.13 28.92
CA VAL A 376 -4.65 -11.46 28.70
C VAL A 376 -4.08 -12.04 29.99
N LYS A 377 -3.46 -11.21 30.83
CA LYS A 377 -2.93 -11.70 32.11
C LYS A 377 -4.06 -12.17 33.00
N PHE A 378 -5.17 -11.42 33.06
CA PHE A 378 -6.35 -11.89 33.77
C PHE A 378 -6.86 -13.19 33.19
N ALA A 379 -6.90 -13.30 31.87
CA ALA A 379 -7.39 -14.52 31.24
C ALA A 379 -6.54 -15.72 31.61
N VAL A 380 -5.22 -15.54 31.63
CA VAL A 380 -4.33 -16.67 31.86
C VAL A 380 -4.20 -17.00 33.35
N SER A 381 -4.39 -16.03 34.24
CA SER A 381 -4.27 -16.30 35.67
C SER A 381 -5.29 -17.33 36.14
N ASN A 382 -6.54 -17.18 35.70
CA ASN A 382 -7.62 -18.09 36.07
C ASN A 382 -7.92 -19.11 34.97
N GLN A 383 -6.89 -19.48 34.20
CA GLN A 383 -6.93 -20.50 33.16
C GLN A 383 -8.21 -20.42 32.31
N ALA A 384 -8.35 -19.28 31.63
CA ALA A 384 -9.38 -19.15 30.62
C ALA A 384 -9.00 -19.92 29.37
N GLU A 385 -10.02 -20.30 28.59
CA GLU A 385 -9.83 -21.05 27.36
C GLU A 385 -10.21 -20.29 26.11
N GLN A 386 -11.22 -19.42 26.18
CA GLN A 386 -11.70 -18.65 25.05
C GLN A 386 -11.97 -17.23 25.51
N ILE A 387 -11.96 -16.30 24.56
CA ILE A 387 -12.25 -14.89 24.85
C ILE A 387 -13.32 -14.42 23.88
N ASN A 388 -14.33 -13.74 24.42
CA ASN A 388 -15.32 -13.02 23.63
C ASN A 388 -15.25 -11.55 24.04
N MET A 389 -15.47 -10.65 23.08
CA MET A 389 -15.52 -9.25 23.43
C MET A 389 -16.35 -8.50 22.40
N GLU A 390 -16.87 -7.35 22.81
CA GLU A 390 -17.73 -6.57 21.94
C GLU A 390 -17.00 -6.19 20.66
N LEU A 391 -17.67 -6.38 19.52
CA LEU A 391 -17.04 -6.09 18.25
C LEU A 391 -16.66 -4.62 18.15
N LEU A 392 -15.49 -4.36 17.58
CA LEU A 392 -14.96 -3.01 17.48
C LEU A 392 -15.32 -2.40 16.13
N SER A 393 -14.84 -1.19 15.90
CA SER A 393 -14.89 -0.48 14.62
C SER A 393 -16.31 -0.14 14.16
N LEU A 394 -17.33 -0.46 14.96
CA LEU A 394 -18.68 -0.12 14.58
C LEU A 394 -18.94 1.37 14.75
N LYS A 395 -20.07 1.83 14.20
CA LYS A 395 -20.51 3.19 14.50
C LYS A 395 -20.83 3.34 15.98
N GLU A 396 -21.46 2.33 16.56
CA GLU A 396 -21.54 2.18 18.00
C GLU A 396 -20.23 1.58 18.51
N THR A 397 -20.07 1.56 19.83
CA THR A 397 -18.90 1.04 20.52
C THR A 397 -17.71 1.98 20.33
N GLN A 398 -17.87 2.98 19.47
CA GLN A 398 -16.94 4.10 19.42
C GLN A 398 -17.46 5.28 20.21
N ASN A 399 -18.74 5.59 20.07
CA ASN A 399 -19.43 6.43 21.04
C ASN A 399 -19.74 5.60 22.28
N LYS A 400 -20.40 6.23 23.25
CA LYS A 400 -20.70 5.63 24.56
C LYS A 400 -19.47 4.92 25.16
N SER A 401 -18.28 5.41 24.81
CA SER A 401 -17.06 4.83 25.35
C SER A 401 -16.07 5.94 25.65
N ILE A 402 -15.20 5.69 26.64
CA ILE A 402 -14.20 6.67 27.04
C ILE A 402 -13.22 6.91 25.89
N LEU A 403 -12.75 5.85 25.26
CA LEU A 403 -11.78 5.94 24.17
C LEU A 403 -12.50 6.45 22.91
N ARG A 404 -12.90 7.72 22.96
CA ARG A 404 -13.79 8.26 21.95
C ARG A 404 -13.09 8.40 20.59
N ASN A 405 -11.80 8.69 20.59
CA ASN A 405 -10.99 8.73 19.37
C ASN A 405 -9.70 7.97 19.64
N TRP A 406 -9.70 6.68 19.33
CA TRP A 406 -8.60 5.81 19.72
C TRP A 406 -8.29 4.84 18.60
N SER A 407 -7.06 4.31 18.64
CA SER A 407 -6.59 3.35 17.66
C SER A 407 -7.12 1.97 18.06
N TYR A 408 -8.42 1.76 17.80
CA TYR A 408 -9.05 0.53 18.20
C TYR A 408 -8.45 -0.68 17.51
N TYR A 409 -7.97 -0.52 16.27
CA TYR A 409 -7.39 -1.65 15.56
C TYR A 409 -6.11 -2.12 16.23
N GLN A 410 -5.37 -1.22 16.88
CA GLN A 410 -4.16 -1.65 17.59
C GLN A 410 -4.50 -2.62 18.71
N LEU A 411 -5.46 -2.27 19.56
CA LEU A 411 -5.88 -3.17 20.63
C LEU A 411 -6.47 -4.45 20.04
N GLN A 412 -7.24 -4.31 18.96
CA GLN A 412 -7.78 -5.49 18.29
C GLN A 412 -6.67 -6.44 17.88
N THR A 413 -5.57 -5.91 17.36
CA THR A 413 -4.46 -6.75 16.94
C THR A 413 -3.74 -7.38 18.12
N MET A 414 -3.45 -6.57 19.15
CA MET A 414 -2.66 -7.07 20.26
C MET A 414 -3.42 -8.13 21.06
N ILE A 415 -4.75 -8.00 21.17
CA ILE A 415 -5.48 -9.03 21.90
C ILE A 415 -5.39 -10.37 21.20
N GLU A 416 -5.56 -10.40 19.87
CA GLU A 416 -5.41 -11.66 19.14
C GLU A 416 -3.97 -12.17 19.23
N TYR A 417 -2.99 -11.28 19.11
CA TYR A 417 -1.60 -11.68 19.27
C TYR A 417 -1.36 -12.40 20.59
N LYS A 418 -1.61 -11.72 21.70
CA LYS A 418 -1.31 -12.34 22.99
C LYS A 418 -2.22 -13.53 23.28
N ALA A 419 -3.40 -13.59 22.68
CA ALA A 419 -4.27 -14.74 22.88
C ALA A 419 -3.72 -15.98 22.18
N GLN A 420 -3.33 -15.82 20.91
CA GLN A 420 -2.76 -16.96 20.18
C GLN A 420 -1.40 -17.34 20.74
N ARG A 421 -0.67 -16.38 21.32
CA ARG A 421 0.62 -16.70 21.93
C ARG A 421 0.44 -17.64 23.12
N GLU A 422 -0.74 -17.66 23.71
CA GLU A 422 -1.01 -18.51 24.87
C GLU A 422 -2.17 -19.48 24.61
N GLY A 423 -2.47 -19.74 23.35
CA GLY A 423 -3.51 -20.70 23.00
C GLY A 423 -4.93 -20.27 23.35
N ILE A 424 -5.26 -19.00 23.15
CA ILE A 424 -6.59 -18.47 23.41
C ILE A 424 -7.18 -17.97 22.11
N LYS A 425 -8.46 -18.27 21.88
CA LYS A 425 -9.17 -17.83 20.69
C LYS A 425 -9.97 -16.56 21.00
N VAL A 426 -10.09 -15.70 19.99
CA VAL A 426 -10.79 -14.43 20.12
C VAL A 426 -11.96 -14.42 19.15
N LYS A 427 -13.15 -14.09 19.65
CA LYS A 427 -14.35 -13.99 18.85
C LYS A 427 -15.09 -12.72 19.21
N TYR A 428 -15.87 -12.21 18.27
CA TYR A 428 -16.60 -10.97 18.45
C TYR A 428 -18.10 -11.23 18.40
N ILE A 429 -18.86 -10.43 19.14
CA ILE A 429 -20.30 -10.56 19.22
C ILE A 429 -20.96 -9.21 18.99
N ASP A 430 -22.23 -9.24 18.62
CA ASP A 430 -22.97 -8.02 18.35
C ASP A 430 -23.19 -7.24 19.65
N PRO A 431 -23.15 -5.91 19.60
CA PRO A 431 -23.27 -5.10 20.82
C PRO A 431 -24.69 -4.63 21.14
N TYR A 432 -25.70 -5.12 20.45
CA TYR A 432 -27.06 -4.63 20.66
C TYR A 432 -27.53 -4.97 22.07
N HIS A 433 -28.30 -4.05 22.66
CA HIS A 433 -28.98 -4.25 23.95
C HIS A 433 -28.02 -4.65 25.07
N THR A 434 -26.74 -4.33 24.91
CA THR A 434 -25.77 -4.72 25.92
C THR A 434 -25.88 -3.86 27.18
N SER A 435 -26.17 -2.58 27.04
CA SER A 435 -26.19 -1.67 28.19
C SER A 435 -27.44 -1.85 29.04
N GLN A 436 -28.57 -2.18 28.42
CA GLN A 436 -29.84 -2.19 29.14
C GLN A 436 -30.52 -3.56 29.11
N THR A 437 -29.76 -4.62 29.35
CA THR A 437 -30.32 -5.95 29.49
C THR A 437 -29.75 -6.59 30.75
N CYS A 438 -30.62 -7.15 31.58
CA CYS A 438 -30.17 -7.85 32.77
C CYS A 438 -29.43 -9.13 32.37
N SER A 439 -28.39 -9.44 33.12
CA SER A 439 -27.59 -10.63 32.87
C SER A 439 -28.03 -11.83 33.68
N LYS A 440 -29.10 -11.71 34.46
CA LYS A 440 -29.62 -12.82 35.25
C LYS A 440 -30.91 -13.39 34.65
N CYS A 441 -31.86 -12.53 34.30
CA CYS A 441 -33.11 -12.99 33.70
C CYS A 441 -33.16 -12.73 32.20
N GLY A 442 -32.45 -11.71 31.71
CA GLY A 442 -32.38 -11.48 30.28
C GLY A 442 -33.50 -10.67 29.68
N ASN A 443 -34.39 -10.11 30.50
CA ASN A 443 -35.47 -9.28 29.95
C ASN A 443 -34.90 -8.01 29.35
N TYR A 444 -35.57 -7.52 28.31
CA TYR A 444 -35.16 -6.29 27.62
C TYR A 444 -36.24 -5.24 27.84
N GLU A 445 -35.93 -4.23 28.63
CA GLU A 445 -36.84 -3.12 28.87
C GLU A 445 -36.06 -1.83 28.86
N GLU A 446 -36.76 -0.74 28.51
CA GLU A 446 -36.12 0.57 28.48
C GLU A 446 -36.04 1.15 29.89
N GLY A 447 -34.89 1.71 30.23
CA GLY A 447 -34.69 2.30 31.54
C GLY A 447 -34.29 1.34 32.63
N GLN A 448 -33.99 0.07 32.30
CA GLN A 448 -33.57 -0.88 33.32
C GLN A 448 -32.26 -0.47 33.97
N ARG A 449 -31.47 0.37 33.31
CA ARG A 449 -30.29 1.00 33.92
C ARG A 449 -30.66 2.39 34.43
N GLU A 450 -31.65 2.42 35.33
CA GLU A 450 -32.17 3.69 35.82
C GLU A 450 -31.12 4.47 36.60
N SER A 451 -30.20 3.78 37.27
CA SER A 451 -29.13 4.42 38.00
C SER A 451 -27.83 4.26 37.22
N GLN A 452 -27.06 5.34 37.13
CA GLN A 452 -25.82 5.30 36.36
C GLN A 452 -24.79 4.40 37.01
N ALA A 453 -24.71 4.40 38.35
CA ALA A 453 -23.68 3.69 39.07
C ALA A 453 -24.12 2.32 39.58
N ASP A 454 -25.34 1.90 39.28
CA ASP A 454 -25.81 0.60 39.77
C ASP A 454 -26.94 0.10 38.87
N PHE A 455 -27.23 -1.19 38.98
CA PHE A 455 -28.26 -1.82 38.18
C PHE A 455 -29.24 -2.55 39.10
N ILE A 456 -30.53 -2.32 38.89
CA ILE A 456 -31.59 -2.99 39.62
C ILE A 456 -32.53 -3.63 38.61
N CYS A 457 -32.77 -4.93 38.74
CA CYS A 457 -33.66 -5.63 37.83
C CYS A 457 -35.11 -5.35 38.20
N LYS A 458 -35.94 -5.11 37.18
CA LYS A 458 -37.35 -4.86 37.41
C LYS A 458 -38.14 -6.12 37.70
N LYS A 459 -37.58 -7.30 37.41
CA LYS A 459 -38.31 -8.55 37.55
C LYS A 459 -37.79 -9.41 38.69
N CYS A 460 -36.49 -9.71 38.71
CA CYS A 460 -35.92 -10.57 39.74
C CYS A 460 -35.22 -9.79 40.85
N GLY A 461 -35.23 -8.46 40.79
CA GLY A 461 -34.62 -7.67 41.85
C GLY A 461 -33.14 -7.92 42.02
N TYR A 462 -32.39 -7.95 40.92
CA TYR A 462 -30.97 -8.26 40.95
C TYR A 462 -30.18 -6.98 41.17
N LYS A 463 -29.27 -6.99 42.13
CA LYS A 463 -28.51 -5.80 42.54
C LYS A 463 -27.03 -6.04 42.28
N VAL A 464 -26.57 -5.65 41.10
CA VAL A 464 -25.15 -5.68 40.74
C VAL A 464 -24.82 -4.40 39.99
N ASN A 465 -23.52 -4.09 39.92
CA ASN A 465 -23.08 -2.88 39.25
C ASN A 465 -23.30 -2.99 37.74
N ALA A 466 -23.39 -1.83 37.10
CA ALA A 466 -23.66 -1.79 35.67
C ALA A 466 -22.53 -2.44 34.88
N ASP A 467 -21.28 -2.14 35.24
CA ASP A 467 -20.15 -2.71 34.51
C ASP A 467 -20.13 -4.23 34.61
N TYR A 468 -20.37 -4.76 35.81
CA TYR A 468 -20.38 -6.20 35.99
C TYR A 468 -21.53 -6.84 35.22
N ASN A 469 -22.68 -6.19 35.20
CA ASN A 469 -23.81 -6.73 34.43
C ASN A 469 -23.48 -6.76 32.94
N ALA A 470 -22.85 -5.69 32.42
CA ALA A 470 -22.46 -5.67 31.03
C ALA A 470 -21.45 -6.77 30.71
N ALA A 471 -20.46 -6.95 31.58
CA ALA A 471 -19.46 -7.98 31.34
C ALA A 471 -20.09 -9.37 31.37
N ARG A 472 -20.98 -9.62 32.32
CA ARG A 472 -21.68 -10.90 32.37
C ARG A 472 -22.51 -11.11 31.12
N ASN A 473 -23.22 -10.07 30.67
CA ASN A 473 -24.02 -10.16 29.46
C ASN A 473 -23.15 -10.57 28.28
N ILE A 474 -22.03 -9.88 28.09
CA ILE A 474 -21.17 -10.17 26.94
C ILE A 474 -20.56 -11.56 27.04
N ALA A 475 -20.23 -12.00 28.26
CA ALA A 475 -19.71 -13.35 28.44
C ALA A 475 -20.74 -14.40 28.06
N MET A 476 -22.00 -14.17 28.43
CA MET A 476 -23.04 -15.18 28.20
C MET A 476 -23.36 -15.36 26.72
N SER A 477 -23.29 -14.29 25.93
CA SER A 477 -23.78 -14.33 24.56
C SER A 477 -22.96 -15.31 23.71
N ASN A 478 -23.61 -15.88 22.69
CA ASN A 478 -22.97 -16.83 21.79
C ASN A 478 -23.34 -16.58 20.33
N LYS A 479 -23.71 -15.35 19.98
CA LYS A 479 -24.04 -15.01 18.59
C LYS A 479 -22.84 -14.29 17.98
N TYR A 480 -21.86 -15.09 17.56
CA TYR A 480 -20.65 -14.53 16.97
C TYR A 480 -20.93 -13.95 15.60
N ILE A 481 -20.43 -12.74 15.36
CA ILE A 481 -20.54 -12.08 14.07
C ILE A 481 -19.14 -11.71 13.61
N THR A 482 -18.97 -11.59 12.31
CA THR A 482 -17.66 -11.30 11.73
C THR A 482 -17.62 -10.01 10.92
N LYS A 483 -18.68 -9.70 10.19
CA LYS A 483 -18.72 -8.52 9.33
C LYS A 483 -19.72 -7.51 9.88
N LYS A 484 -19.53 -6.25 9.48
CA LYS A 484 -20.41 -5.19 9.94
C LYS A 484 -21.84 -5.41 9.48
N GLU A 485 -22.02 -5.85 8.24
CA GLU A 485 -23.36 -5.99 7.67
C GLU A 485 -24.20 -7.04 8.39
N GLU A 486 -23.57 -7.99 9.08
CA GLU A 486 -24.30 -9.05 9.76
C GLU A 486 -24.50 -8.62 11.21
N SER A 487 -25.42 -7.68 11.40
CA SER A 487 -25.77 -7.19 12.72
C SER A 487 -27.29 -7.03 12.80
N LYS A 488 -27.80 -7.09 14.03
CA LYS A 488 -29.24 -6.92 14.23
C LYS A 488 -29.69 -5.53 13.79
N TYR A 489 -28.91 -4.51 14.13
CA TYR A 489 -29.12 -3.17 13.61
C TYR A 489 -27.97 -2.79 12.69
N TYR A 490 -28.29 -2.30 11.50
CA TYR A 490 -27.29 -1.97 10.51
C TYR A 490 -27.84 -0.91 9.57
N LYS A 491 -26.97 -0.01 9.14
CA LYS A 491 -27.35 1.08 8.25
C LYS A 491 -26.43 1.17 7.05
N MET B 1 -5.07 32.54 -12.84
CA MET B 1 -4.78 31.18 -12.41
C MET B 1 -5.97 30.27 -12.66
N ILE B 2 -5.68 29.05 -13.14
CA ILE B 2 -6.73 28.08 -13.41
C ILE B 2 -7.37 27.62 -12.10
N THR B 3 -8.63 27.21 -12.19
CA THR B 3 -9.36 26.72 -11.02
C THR B 3 -10.32 25.64 -11.46
N VAL B 4 -10.77 24.85 -10.48
CA VAL B 4 -11.69 23.73 -10.73
C VAL B 4 -13.00 24.01 -9.99
N ARG B 5 -14.10 23.77 -10.68
CA ARG B 5 -15.44 23.91 -10.12
C ARG B 5 -16.14 22.56 -10.23
N LYS B 6 -16.71 22.09 -9.12
CA LYS B 6 -17.34 20.78 -9.07
C LYS B 6 -18.84 20.94 -9.20
N ILE B 7 -19.44 20.26 -10.18
CA ILE B 7 -20.85 20.39 -10.50
C ILE B 7 -21.47 19.00 -10.57
N LYS B 8 -22.75 18.91 -10.26
CA LYS B 8 -23.51 17.67 -10.39
C LYS B 8 -24.50 17.80 -11.55
N LEU B 9 -24.55 16.78 -12.40
CA LEU B 9 -25.31 16.83 -13.64
C LEU B 9 -26.32 15.71 -13.70
N THR B 10 -27.38 15.94 -14.48
CA THR B 10 -28.38 14.90 -14.77
C THR B 10 -28.72 14.95 -16.26
N ILE B 11 -29.15 13.80 -16.78
CA ILE B 11 -29.49 13.64 -18.18
C ILE B 11 -30.96 13.23 -18.27
N MET B 12 -31.68 13.80 -19.24
CA MET B 12 -33.09 13.52 -19.45
C MET B 12 -33.27 12.63 -20.66
N GLY B 13 -34.51 12.17 -20.84
CA GLY B 13 -34.91 11.32 -21.94
C GLY B 13 -35.64 10.09 -21.43
N ASP B 14 -35.89 9.16 -22.34
CA ASP B 14 -36.54 7.91 -21.96
C ASP B 14 -35.62 7.08 -21.08
N LYS B 15 -36.22 6.17 -20.30
CA LYS B 15 -35.44 5.34 -19.40
C LYS B 15 -34.44 4.49 -20.15
N ASP B 16 -34.86 3.88 -21.26
CA ASP B 16 -33.94 3.11 -22.08
C ASP B 16 -32.84 3.99 -22.66
N THR B 17 -33.19 5.22 -23.06
CA THR B 17 -32.18 6.15 -23.53
C THR B 17 -31.18 6.49 -22.43
N ARG B 18 -31.67 6.68 -21.21
CA ARG B 18 -30.77 6.92 -20.07
C ARG B 18 -29.83 5.74 -19.86
N ASN B 19 -30.36 4.52 -19.92
CA ASN B 19 -29.52 3.34 -19.75
C ASN B 19 -28.45 3.26 -20.83
N SER B 20 -28.83 3.53 -22.08
CA SER B 20 -27.86 3.50 -23.16
C SER B 20 -26.78 4.56 -22.98
N GLN B 21 -27.17 5.78 -22.61
CA GLN B 21 -26.20 6.84 -22.41
C GLN B 21 -25.22 6.48 -21.30
N TYR B 22 -25.72 5.97 -20.18
CA TYR B 22 -24.84 5.67 -19.05
C TYR B 22 -23.94 4.49 -19.35
N LYS B 23 -24.45 3.46 -20.04
CA LYS B 23 -23.60 2.35 -20.44
C LYS B 23 -22.50 2.83 -21.37
N TRP B 24 -22.85 3.70 -22.32
CA TRP B 24 -21.85 4.23 -23.24
C TRP B 24 -20.77 5.00 -22.49
N ILE B 25 -21.16 5.85 -21.54
CA ILE B 25 -20.18 6.63 -20.79
C ILE B 25 -19.26 5.71 -19.98
N ARG B 26 -19.84 4.72 -19.30
CA ARG B 26 -19.03 3.80 -18.51
C ARG B 26 -18.03 3.06 -19.38
N ASP B 27 -18.48 2.55 -20.53
CA ASP B 27 -17.59 1.80 -21.40
C ASP B 27 -16.50 2.70 -21.96
N GLU B 28 -16.83 3.95 -22.28
CA GLU B 28 -15.81 4.86 -22.79
C GLU B 28 -14.75 5.15 -21.73
N GLN B 29 -15.17 5.33 -20.48
CA GLN B 29 -14.19 5.55 -19.42
C GLN B 29 -13.29 4.33 -19.22
N TYR B 30 -13.88 3.14 -19.31
CA TYR B 30 -13.09 1.91 -19.24
C TYR B 30 -12.04 1.87 -20.36
N ASN B 31 -12.45 2.26 -21.57
CA ASN B 31 -11.50 2.30 -22.69
C ASN B 31 -10.38 3.31 -22.43
N GLN B 32 -10.72 4.48 -21.89
CA GLN B 32 -9.69 5.48 -21.63
C GLN B 32 -8.69 4.99 -20.59
N TYR B 33 -9.18 4.33 -19.54
CA TYR B 33 -8.28 3.69 -18.58
C TYR B 33 -7.32 2.73 -19.27
N ARG B 34 -7.84 1.85 -20.12
CA ARG B 34 -6.98 0.89 -20.81
C ARG B 34 -5.95 1.60 -21.68
N ALA B 35 -6.37 2.67 -22.37
CA ALA B 35 -5.46 3.40 -23.25
C ALA B 35 -4.34 4.06 -22.47
N LEU B 36 -4.66 4.65 -21.32
CA LEU B 36 -3.61 5.22 -20.48
C LEU B 36 -2.59 4.17 -20.07
N ASN B 37 -3.08 2.98 -19.66
CA ASN B 37 -2.14 1.92 -19.28
C ASN B 37 -1.23 1.54 -20.43
N MET B 38 -1.81 1.31 -21.62
CA MET B 38 -0.99 0.93 -22.77
C MET B 38 0.08 1.97 -23.07
N GLY B 39 -0.33 3.23 -23.19
CA GLY B 39 0.63 4.26 -23.56
C GLY B 39 1.74 4.42 -22.55
N MET B 40 1.39 4.42 -21.26
CA MET B 40 2.41 4.58 -20.23
C MET B 40 3.40 3.43 -20.26
N THR B 41 2.91 2.19 -20.42
CA THR B 41 3.82 1.05 -20.44
C THR B 41 4.77 1.12 -21.64
N TYR B 42 4.24 1.42 -22.82
CA TYR B 42 5.11 1.45 -24.00
C TYR B 42 6.15 2.56 -23.89
N LEU B 43 5.75 3.75 -23.44
CA LEU B 43 6.73 4.81 -23.35
C LEU B 43 7.74 4.55 -22.25
N ALA B 44 7.34 3.89 -21.16
CA ALA B 44 8.30 3.51 -20.13
C ALA B 44 9.31 2.52 -20.66
N VAL B 45 8.88 1.54 -21.47
CA VAL B 45 9.85 0.63 -22.08
C VAL B 45 10.80 1.40 -22.96
N ASN B 46 10.29 2.37 -23.73
CA ASN B 46 11.15 3.17 -24.58
C ASN B 46 12.23 3.87 -23.77
N ASP B 47 11.86 4.52 -22.67
CA ASP B 47 12.85 5.26 -21.89
C ASP B 47 13.78 4.35 -21.10
N ILE B 48 13.33 3.16 -20.70
CA ILE B 48 14.24 2.21 -20.04
C ILE B 48 15.29 1.72 -21.02
N LEU B 49 14.86 1.36 -22.23
CA LEU B 49 15.75 0.65 -23.15
C LEU B 49 16.90 1.51 -23.61
N TYR B 50 16.76 2.84 -23.57
CA TYR B 50 17.77 3.71 -24.14
C TYR B 50 18.81 4.13 -23.10
N MET B 51 18.36 4.81 -22.04
CA MET B 51 19.30 5.41 -21.10
C MET B 51 19.94 4.37 -20.18
N ASN B 52 19.18 3.38 -19.72
CA ASN B 52 19.67 2.48 -18.71
C ASN B 52 20.51 1.37 -19.32
N GLU B 53 21.17 0.59 -18.46
CA GLU B 53 22.05 -0.47 -18.90
C GLU B 53 21.26 -1.71 -19.29
N SER B 54 21.95 -2.83 -19.51
CA SER B 54 21.29 -4.06 -19.87
C SER B 54 21.80 -5.18 -18.97
N GLY B 55 21.34 -6.39 -19.24
CA GLY B 55 21.67 -7.54 -18.42
C GLY B 55 23.09 -8.03 -18.53
N LEU B 56 23.45 -8.56 -19.70
CA LEU B 56 24.77 -9.16 -19.88
C LEU B 56 25.87 -8.12 -20.00
N GLU B 57 25.56 -6.89 -20.40
CA GLU B 57 26.59 -5.86 -20.51
C GLU B 57 27.25 -5.61 -19.16
N ILE B 58 26.47 -5.55 -18.08
CA ILE B 58 27.05 -5.40 -16.75
C ILE B 58 27.81 -6.67 -16.36
N ARG B 59 27.26 -7.83 -16.70
CA ARG B 59 27.92 -9.10 -16.38
C ARG B 59 29.30 -9.18 -17.02
N THR B 60 29.50 -8.48 -18.13
CA THR B 60 30.78 -8.44 -18.82
C THR B 60 31.66 -7.28 -18.38
N ILE B 61 31.09 -6.12 -18.10
CA ILE B 61 31.89 -4.99 -17.64
C ILE B 61 32.46 -5.27 -16.26
N LYS B 62 31.75 -6.03 -15.42
CA LYS B 62 32.30 -6.41 -14.13
C LYS B 62 33.51 -7.31 -14.29
N ASP B 63 33.44 -8.27 -15.20
CA ASP B 63 34.60 -9.11 -15.49
C ASP B 63 35.75 -8.29 -16.06
N LEU B 64 35.44 -7.29 -16.89
CA LEU B 64 36.47 -6.42 -17.44
C LEU B 64 37.17 -5.64 -16.33
N LYS B 65 36.41 -5.08 -15.39
CA LYS B 65 37.02 -4.37 -14.28
C LYS B 65 37.86 -5.31 -13.43
N ASP B 66 37.37 -6.54 -13.20
CA ASP B 66 38.14 -7.51 -12.44
C ASP B 66 39.47 -7.81 -13.11
N CYS B 67 39.46 -8.03 -14.42
CA CYS B 67 40.70 -8.30 -15.14
C CYS B 67 41.63 -7.10 -15.12
N GLU B 68 41.09 -5.89 -15.26
CA GLU B 68 41.91 -4.69 -15.21
C GLU B 68 42.60 -4.54 -13.86
N LYS B 69 41.87 -4.76 -12.77
CA LYS B 69 42.48 -4.66 -11.44
C LYS B 69 43.48 -5.77 -11.22
N ASP B 70 43.20 -6.97 -11.73
CA ASP B 70 44.14 -8.08 -11.63
C ASP B 70 45.46 -7.73 -12.31
N ILE B 71 45.39 -7.22 -13.53
CA ILE B 71 46.60 -6.83 -14.26
C ILE B 71 47.32 -5.72 -13.52
N ASP B 72 46.57 -4.73 -13.02
CA ASP B 72 47.20 -3.61 -12.32
C ASP B 72 47.96 -4.08 -11.09
N LYS B 73 47.34 -4.94 -10.27
CA LYS B 73 48.01 -5.37 -9.05
C LYS B 73 49.17 -6.31 -9.36
N ASN B 74 49.06 -7.12 -10.41
CA ASN B 74 50.19 -7.95 -10.80
C ASN B 74 51.37 -7.11 -11.26
N LYS B 75 51.09 -6.04 -12.03
CA LYS B 75 52.15 -5.13 -12.44
C LYS B 75 52.77 -4.44 -11.23
N LYS B 76 51.94 -4.04 -10.26
CA LYS B 76 52.45 -3.37 -9.07
C LYS B 76 53.35 -4.31 -8.26
N GLU B 77 52.93 -5.56 -8.10
CA GLU B 77 53.69 -6.49 -7.26
C GLU B 77 54.94 -7.01 -7.96
N ILE B 78 54.92 -7.13 -9.29
CA ILE B 78 56.08 -7.71 -9.98
C ILE B 78 57.28 -6.77 -9.90
N GLU B 79 57.05 -5.47 -9.79
CA GLU B 79 58.15 -4.51 -9.70
C GLU B 79 57.93 -3.54 -8.53
N LEU B 108 59.52 -19.80 -14.07
CA LEU B 108 59.89 -18.74 -13.16
C LEU B 108 59.08 -17.48 -13.43
N VAL B 109 59.41 -16.79 -14.52
CA VAL B 109 58.68 -15.58 -14.91
C VAL B 109 57.84 -15.81 -16.16
N GLU B 110 58.18 -16.78 -17.00
CA GLU B 110 57.43 -17.03 -18.23
C GLU B 110 55.98 -17.39 -17.93
N ASN B 111 55.72 -18.05 -16.80
CA ASN B 111 54.34 -18.37 -16.44
C ASN B 111 53.53 -17.10 -16.22
N LYS B 112 54.10 -16.13 -15.49
CA LYS B 112 53.39 -14.87 -15.28
C LYS B 112 53.26 -14.09 -16.57
N ILE B 113 54.28 -14.17 -17.44
CA ILE B 113 54.21 -13.48 -18.73
C ILE B 113 53.05 -14.02 -19.56
N GLU B 114 52.96 -15.34 -19.67
CA GLU B 114 51.84 -15.96 -20.38
C GLU B 114 50.52 -15.63 -19.69
N ASP B 115 50.53 -15.55 -18.37
CA ASP B 115 49.31 -15.22 -17.63
C ASP B 115 48.79 -13.85 -18.04
N TYR B 116 49.64 -12.83 -18.04
CA TYR B 116 49.11 -11.51 -18.35
C TYR B 116 48.93 -11.29 -19.86
N LYS B 117 49.62 -12.05 -20.71
CA LYS B 117 49.21 -12.07 -22.12
C LYS B 117 47.80 -12.64 -22.29
N LEU B 118 47.49 -13.74 -21.60
CA LEU B 118 46.15 -14.30 -21.64
C LEU B 118 45.14 -13.29 -21.10
N LYS B 119 45.50 -12.60 -20.02
CA LYS B 119 44.60 -11.60 -19.46
C LYS B 119 44.36 -10.46 -20.43
N ILE B 120 45.39 -10.01 -21.14
CA ILE B 120 45.22 -8.87 -22.05
C ILE B 120 44.39 -9.27 -23.27
N VAL B 121 44.58 -10.49 -23.79
CA VAL B 121 43.75 -10.89 -24.93
C VAL B 121 42.31 -11.11 -24.48
N GLU B 122 42.12 -11.64 -23.27
CA GLU B 122 40.79 -11.74 -22.70
C GLU B 122 40.15 -10.37 -22.57
N LEU B 123 40.92 -9.37 -22.14
CA LEU B 123 40.41 -8.02 -22.06
C LEU B 123 40.00 -7.50 -23.43
N ASN B 124 40.79 -7.79 -24.46
CA ASN B 124 40.44 -7.33 -25.80
C ASN B 124 39.13 -7.95 -26.27
N LYS B 125 38.99 -9.27 -26.11
CA LYS B 125 37.76 -9.91 -26.56
C LYS B 125 36.57 -9.46 -25.73
N ILE B 126 36.78 -9.19 -24.43
CA ILE B 126 35.70 -8.69 -23.58
C ILE B 126 35.26 -7.30 -24.05
N LEU B 127 36.22 -6.45 -24.42
CA LEU B 127 35.86 -5.15 -24.96
C LEU B 127 35.07 -5.28 -26.25
N GLU B 128 35.47 -6.23 -27.11
CA GLU B 128 34.71 -6.46 -28.33
C GLU B 128 33.27 -6.88 -28.03
N GLU B 129 33.10 -7.80 -27.07
CA GLU B 129 31.76 -8.25 -26.71
C GLU B 129 30.92 -7.12 -26.14
N THR B 130 31.52 -6.29 -25.28
CA THR B 130 30.78 -5.16 -24.72
C THR B 130 30.34 -4.20 -25.82
N GLN B 131 31.24 -3.90 -26.77
CA GLN B 131 30.87 -3.00 -27.85
C GLN B 131 29.74 -3.56 -28.70
N LYS B 132 29.80 -4.87 -29.02
CA LYS B 132 28.76 -5.43 -29.87
C LYS B 132 27.42 -5.50 -29.14
N GLU B 133 27.44 -5.77 -27.83
CA GLU B 133 26.18 -5.78 -27.08
C GLU B 133 25.58 -4.39 -26.94
N ARG B 134 26.43 -3.38 -26.74
CA ARG B 134 25.91 -2.01 -26.71
C ARG B 134 25.32 -1.62 -28.05
N MET B 135 25.97 -2.03 -29.14
CA MET B 135 25.39 -1.79 -30.46
C MET B 135 24.05 -2.49 -30.62
N ASP B 136 23.93 -3.72 -30.11
CA ASP B 136 22.66 -4.43 -30.15
C ASP B 136 21.56 -3.64 -29.43
N ILE B 137 21.85 -3.18 -28.22
CA ILE B 137 20.87 -2.41 -27.47
C ILE B 137 20.47 -1.14 -28.21
N GLN B 138 21.47 -0.42 -28.73
CA GLN B 138 21.17 0.84 -29.40
C GLN B 138 20.34 0.62 -30.65
N LYS B 139 20.67 -0.41 -31.45
CA LYS B 139 19.87 -0.66 -32.64
C LYS B 139 18.47 -1.14 -32.30
N GLU B 140 18.32 -1.88 -31.20
CA GLU B 140 16.98 -2.25 -30.76
C GLU B 140 16.16 -1.01 -30.42
N PHE B 141 16.78 -0.06 -29.72
CA PHE B 141 16.08 1.18 -29.43
C PHE B 141 15.70 1.94 -30.69
N LYS B 142 16.62 2.06 -31.65
CA LYS B 142 16.30 2.78 -32.88
C LYS B 142 15.16 2.09 -33.64
N GLU B 143 15.17 0.76 -33.68
CA GLU B 143 14.15 0.04 -34.43
C GLU B 143 12.79 0.14 -33.76
N LYS B 144 12.76 0.08 -32.43
CA LYS B 144 11.47 0.11 -31.74
C LYS B 144 10.84 1.49 -31.72
N TYR B 145 11.65 2.55 -31.90
CA TYR B 145 11.16 3.90 -31.65
C TYR B 145 10.02 4.27 -32.59
N VAL B 146 10.15 3.95 -33.88
CA VAL B 146 9.16 4.39 -34.86
C VAL B 146 8.22 3.24 -35.19
N ASP B 147 8.69 2.01 -35.00
CA ASP B 147 7.86 0.85 -35.32
C ASP B 147 6.68 0.72 -34.36
N ASP B 148 6.88 1.02 -33.09
CA ASP B 148 5.85 0.78 -32.09
C ASP B 148 5.68 1.90 -31.09
N LEU B 149 6.31 3.05 -31.27
CA LEU B 149 6.23 4.13 -30.29
C LEU B 149 6.04 5.52 -30.89
N TYR B 150 6.21 5.71 -32.19
CA TYR B 150 6.06 7.04 -32.76
C TYR B 150 4.63 7.53 -32.65
N GLN B 151 3.68 6.71 -33.10
CA GLN B 151 2.27 6.87 -32.77
C GLN B 151 1.69 5.50 -32.54
N VAL B 152 0.93 5.33 -31.47
CA VAL B 152 0.37 4.04 -31.11
C VAL B 152 -0.89 3.86 -31.95
N LEU B 153 -0.79 3.01 -32.97
CA LEU B 153 -1.95 2.60 -33.73
C LEU B 153 -2.59 1.33 -33.16
N ASP B 154 -2.06 0.82 -32.06
CA ASP B 154 -2.70 -0.30 -31.37
C ASP B 154 -4.10 0.13 -30.93
N LYS B 155 -5.08 -0.74 -31.17
CA LYS B 155 -6.47 -0.33 -31.09
C LYS B 155 -7.14 -0.85 -29.83
N ILE B 156 -7.78 0.06 -29.11
CA ILE B 156 -8.78 -0.23 -28.08
C ILE B 156 -10.12 0.09 -28.71
N PRO B 157 -11.17 -0.70 -28.48
CA PRO B 157 -12.43 -0.45 -29.18
C PRO B 157 -13.08 0.86 -28.77
N PHE B 158 -12.43 1.98 -29.09
CA PHE B 158 -12.99 3.28 -28.79
C PHE B 158 -14.25 3.53 -29.59
N LYS B 159 -15.23 4.14 -28.94
CA LYS B 159 -16.46 4.56 -29.60
C LYS B 159 -16.39 6.01 -30.04
N HIS B 160 -15.22 6.64 -29.91
CA HIS B 160 -14.99 7.99 -30.43
C HIS B 160 -13.55 8.07 -30.92
N LEU B 161 -13.31 9.05 -31.78
CA LEU B 161 -12.02 9.19 -32.43
C LEU B 161 -11.06 10.09 -31.64
N ASP B 162 -11.56 11.23 -31.16
CA ASP B 162 -10.69 12.21 -30.52
C ASP B 162 -10.12 11.75 -29.18
N ASN B 163 -10.67 10.68 -28.59
CA ASN B 163 -10.19 10.28 -27.27
C ASN B 163 -8.75 9.75 -27.32
N LYS B 164 -8.32 9.23 -28.47
CA LYS B 164 -6.91 8.87 -28.61
C LYS B 164 -6.03 10.11 -28.55
N SER B 165 -6.47 11.21 -29.15
CA SER B 165 -5.67 12.44 -29.16
C SER B 165 -5.49 12.98 -27.74
N LEU B 166 -6.54 12.90 -26.92
CA LEU B 166 -6.44 13.37 -25.54
C LEU B 166 -5.54 12.44 -24.72
N VAL B 167 -5.61 11.13 -24.97
CA VAL B 167 -4.83 10.18 -24.18
C VAL B 167 -3.34 10.42 -24.35
N THR B 168 -2.89 10.56 -25.60
CA THR B 168 -1.46 10.70 -25.85
C THR B 168 -0.91 11.98 -25.22
N GLN B 169 -1.65 13.07 -25.34
CA GLN B 169 -1.20 14.32 -24.73
C GLN B 169 -1.05 14.20 -23.22
N ARG B 170 -1.79 13.27 -22.61
CA ARG B 170 -1.80 13.19 -21.15
C ARG B 170 -0.66 12.32 -20.66
N ILE B 171 -0.34 11.24 -21.39
CA ILE B 171 0.79 10.39 -21.03
C ILE B 171 2.11 11.13 -21.28
N LYS B 172 2.22 11.79 -22.43
CA LYS B 172 3.48 12.43 -22.79
C LYS B 172 3.84 13.54 -21.80
N ALA B 173 2.85 14.31 -21.35
CA ALA B 173 3.13 15.37 -20.40
C ALA B 173 3.47 14.80 -19.03
N ASP B 174 2.90 13.64 -18.68
CA ASP B 174 3.11 13.09 -17.35
C ASP B 174 4.51 12.53 -17.18
N ILE B 175 5.00 11.77 -18.16
CA ILE B 175 6.30 11.14 -18.02
C ILE B 175 7.40 12.18 -17.99
N LYS B 176 7.24 13.27 -18.75
CA LYS B 176 8.24 14.33 -18.74
C LYS B 176 8.44 14.90 -17.35
N SER B 177 7.33 15.20 -16.65
CA SER B 177 7.44 15.68 -15.28
C SER B 177 7.92 14.59 -14.33
N ASP B 178 7.36 13.37 -14.48
CA ASP B 178 7.69 12.31 -13.54
C ASP B 178 9.16 11.90 -13.65
N LYS B 179 9.69 11.80 -14.87
CA LYS B 179 11.09 11.43 -15.05
C LYS B 179 12.02 12.48 -14.46
N SER B 180 11.70 13.77 -14.64
CA SER B 180 12.52 14.83 -14.09
C SER B 180 12.51 14.84 -12.57
N ASN B 181 11.52 14.22 -11.96
CA ASN B 181 11.46 14.09 -10.51
C ASN B 181 12.21 12.89 -9.98
N GLY B 182 13.06 12.27 -10.80
CA GLY B 182 13.87 11.16 -10.37
C GLY B 182 13.38 9.78 -10.75
N LEU B 183 12.37 9.69 -11.63
CA LEU B 183 11.88 8.37 -12.03
C LEU B 183 12.95 7.58 -12.76
N LEU B 184 13.86 8.26 -13.45
CA LEU B 184 14.89 7.57 -14.22
C LEU B 184 15.96 6.96 -13.32
N LYS B 185 16.38 7.70 -12.29
CA LYS B 185 17.44 7.24 -11.41
C LYS B 185 16.96 6.28 -10.34
N GLY B 186 15.65 6.04 -10.24
CA GLY B 186 15.12 5.11 -9.26
C GLY B 186 14.65 5.73 -7.97
N GLU B 187 14.18 6.97 -7.99
CA GLU B 187 13.65 7.63 -6.81
C GLU B 187 12.12 7.63 -6.74
N ARG B 188 11.45 7.06 -7.73
CA ARG B 188 10.00 6.93 -7.73
C ARG B 188 9.60 5.94 -8.82
N SER B 189 8.66 5.07 -8.49
CA SER B 189 8.19 4.08 -9.45
C SER B 189 7.25 4.73 -10.46
N ILE B 190 6.89 3.95 -11.50
CA ILE B 190 6.07 4.49 -12.57
C ILE B 190 4.66 4.79 -12.05
N ARG B 191 4.00 5.74 -12.71
CA ARG B 191 2.67 6.20 -12.29
C ARG B 191 1.62 5.26 -12.85
N ASN B 192 1.07 4.42 -11.99
CA ASN B 192 -0.05 3.58 -12.38
C ASN B 192 -1.30 4.44 -12.56
N TYR B 193 -2.21 3.98 -13.42
CA TYR B 193 -3.45 4.69 -13.68
C TYR B 193 -4.64 3.83 -13.28
N LYS B 194 -5.55 4.42 -12.51
CA LYS B 194 -6.64 3.70 -11.86
C LYS B 194 -7.96 3.91 -12.59
N ARG B 195 -8.91 3.01 -12.34
CA ARG B 195 -10.21 3.09 -12.99
C ARG B 195 -10.92 4.39 -12.66
N ASN B 196 -10.83 4.81 -11.40
CA ASN B 196 -11.59 5.96 -10.91
C ASN B 196 -11.20 7.24 -11.64
N PHE B 197 -10.25 7.13 -12.56
CA PHE B 197 -9.82 8.29 -13.32
C PHE B 197 -11.01 8.89 -14.07
N PRO B 198 -11.13 10.20 -14.11
CA PRO B 198 -12.24 10.81 -14.84
C PRO B 198 -12.12 10.56 -16.33
N LEU B 199 -13.27 10.52 -17.00
CA LEU B 199 -13.30 10.40 -18.45
C LEU B 199 -12.91 11.74 -19.04
N MET B 200 -11.73 11.82 -19.67
CA MET B 200 -11.28 13.05 -20.28
C MET B 200 -12.27 13.50 -21.35
N THR B 201 -12.52 14.80 -21.43
CA THR B 201 -13.38 15.35 -22.46
C THR B 201 -12.74 16.61 -23.03
N ARG B 202 -12.86 16.77 -24.34
CA ARG B 202 -12.35 17.95 -24.99
C ARG B 202 -13.17 19.17 -24.58
N GLY B 203 -12.53 20.33 -24.58
CA GLY B 203 -13.25 21.56 -24.23
C GLY B 203 -14.37 21.86 -25.21
N ARG B 204 -14.12 21.65 -26.50
CA ARG B 204 -15.14 21.92 -27.51
C ARG B 204 -16.26 20.89 -27.52
N ASP B 205 -16.06 19.75 -26.87
CA ASP B 205 -17.05 18.67 -26.92
C ASP B 205 -18.36 19.08 -26.27
N LEU B 206 -18.30 19.81 -25.17
CA LEU B 206 -19.49 20.18 -24.41
C LEU B 206 -19.79 21.66 -24.57
N LYS B 207 -21.07 21.98 -24.74
CA LYS B 207 -21.56 23.34 -24.80
C LYS B 207 -22.73 23.48 -23.84
N PHE B 208 -22.88 24.65 -23.26
CA PHE B 208 -23.87 24.86 -22.20
C PHE B 208 -24.66 26.13 -22.45
N LYS B 209 -25.94 26.08 -22.10
CA LYS B 209 -26.86 27.19 -22.31
C LYS B 209 -28.13 26.92 -21.51
N TYR B 210 -28.93 27.96 -21.35
CA TYR B 210 -30.18 27.87 -20.60
C TYR B 210 -31.37 27.80 -21.57
N ASP B 211 -32.37 27.02 -21.18
CA ASP B 211 -33.59 26.85 -21.97
C ASP B 211 -34.78 27.30 -21.15
N ASP B 215 -33.54 26.36 -16.39
CA ASP B 215 -32.30 25.73 -15.96
C ASP B 215 -31.30 25.75 -17.12
N ILE B 216 -30.11 25.22 -16.87
CA ILE B 216 -29.04 25.23 -17.85
C ILE B 216 -28.81 23.81 -18.34
N GLU B 217 -28.74 23.64 -19.66
CA GLU B 217 -28.52 22.34 -20.27
C GLU B 217 -27.12 22.25 -20.83
N ILE B 218 -26.52 21.07 -20.73
CA ILE B 218 -25.13 20.84 -21.14
C ILE B 218 -25.18 20.08 -22.47
N LYS B 219 -25.13 20.82 -23.58
CA LYS B 219 -25.04 20.19 -24.88
C LYS B 219 -23.66 19.55 -25.05
N TRP B 220 -23.64 18.28 -25.45
CA TRP B 220 -22.41 17.52 -25.54
C TRP B 220 -22.42 16.67 -26.79
N MET B 221 -21.24 16.15 -27.13
CA MET B 221 -21.09 15.26 -28.28
C MET B 221 -21.93 14.00 -28.10
N GLU B 222 -22.03 13.22 -29.19
CA GLU B 222 -22.84 12.01 -29.26
C GLU B 222 -24.32 12.31 -29.04
N GLY B 223 -24.75 13.53 -29.33
CA GLY B 223 -26.15 13.90 -29.18
C GLY B 223 -26.66 13.82 -27.76
N ILE B 224 -25.86 14.31 -26.80
CA ILE B 224 -26.21 14.26 -25.39
C ILE B 224 -26.31 15.68 -24.87
N LYS B 225 -27.41 15.99 -24.19
CA LYS B 225 -27.64 17.31 -23.62
C LYS B 225 -27.93 17.16 -22.13
N PHE B 226 -26.88 17.24 -21.31
CA PHE B 226 -27.05 17.10 -19.87
C PHE B 226 -27.79 18.29 -19.29
N LYS B 227 -28.28 18.13 -18.07
CA LYS B 227 -28.99 19.18 -17.35
C LYS B 227 -28.35 19.36 -15.99
N VAL B 228 -28.07 20.62 -15.62
CA VAL B 228 -27.46 20.91 -14.33
C VAL B 228 -28.53 20.87 -13.25
N ILE B 229 -28.22 20.25 -12.12
CA ILE B 229 -29.20 20.16 -11.01
C ILE B 229 -29.49 21.57 -10.50
N LEU B 230 -28.45 22.31 -10.14
CA LEU B 230 -28.58 23.70 -9.68
C LEU B 230 -29.38 23.79 -8.39
N GLY B 231 -29.79 22.66 -7.84
CA GLY B 231 -30.62 22.67 -6.65
C GLY B 231 -29.88 23.21 -5.43
N ASN B 232 -30.66 23.77 -4.52
CA ASN B 232 -30.08 24.39 -3.33
C ASN B 232 -29.43 23.33 -2.43
N ARG B 233 -28.28 23.68 -1.87
CA ARG B 233 -27.55 22.83 -0.94
C ARG B 233 -27.09 23.66 0.24
N ILE B 234 -26.93 23.00 1.39
CA ILE B 234 -26.58 23.71 2.62
C ILE B 234 -25.19 24.30 2.53
N LYS B 235 -24.21 23.49 2.11
CA LYS B 235 -22.83 23.97 2.06
C LYS B 235 -22.56 24.85 0.86
N ASN B 236 -23.16 24.52 -0.29
CA ASN B 236 -22.80 25.16 -1.55
C ASN B 236 -24.02 25.18 -2.45
N SER B 237 -23.80 25.34 -3.75
CA SER B 237 -24.83 25.36 -4.80
C SER B 237 -25.63 26.65 -4.80
N LEU B 238 -25.10 27.72 -4.20
CA LEU B 238 -25.65 29.06 -4.34
C LEU B 238 -24.77 29.94 -5.20
N GLU B 239 -23.45 29.91 -4.96
CA GLU B 239 -22.49 30.53 -5.86
C GLU B 239 -22.39 29.82 -7.20
N LEU B 240 -22.88 28.58 -7.29
CA LEU B 240 -22.86 27.87 -8.55
C LEU B 240 -23.71 28.57 -9.60
N ARG B 241 -24.89 29.06 -9.19
CA ARG B 241 -25.72 29.82 -10.11
C ARG B 241 -25.00 31.08 -10.58
N HIS B 242 -24.34 31.78 -9.65
CA HIS B 242 -23.62 32.99 -10.01
C HIS B 242 -22.51 32.72 -11.01
N THR B 243 -21.71 31.66 -10.76
CA THR B 243 -20.59 31.39 -11.65
C THR B 243 -21.07 30.88 -13.01
N LEU B 244 -22.16 30.10 -13.04
CA LEU B 244 -22.69 29.65 -14.32
C LEU B 244 -23.28 30.80 -15.12
N HIS B 245 -23.94 31.74 -14.43
CA HIS B 245 -24.44 32.94 -15.12
C HIS B 245 -23.29 33.79 -15.63
N LYS B 246 -22.19 33.86 -14.86
CA LYS B 246 -21.02 34.60 -15.32
C LYS B 246 -20.41 33.96 -16.56
N VAL B 247 -20.33 32.63 -16.58
CA VAL B 247 -19.63 31.97 -17.69
C VAL B 247 -20.51 31.85 -18.93
N ILE B 248 -21.84 31.78 -18.76
CA ILE B 248 -22.70 31.73 -19.94
C ILE B 248 -22.67 33.06 -20.69
N GLU B 249 -22.33 34.15 -20.00
CA GLU B 249 -22.23 35.45 -20.64
C GLU B 249 -21.08 35.54 -21.63
N GLY B 250 -20.18 34.56 -21.64
CA GLY B 250 -19.02 34.60 -22.52
C GLY B 250 -17.83 35.35 -21.97
N LYS B 251 -17.87 35.74 -20.69
CA LYS B 251 -16.74 36.45 -20.11
C LYS B 251 -15.50 35.58 -20.07
N TYR B 252 -15.65 34.31 -19.68
CA TYR B 252 -14.52 33.42 -19.44
C TYR B 252 -14.61 32.20 -20.35
N LYS B 253 -13.46 31.75 -20.82
CA LYS B 253 -13.37 30.62 -21.72
C LYS B 253 -13.25 29.32 -20.95
N ILE B 254 -13.72 28.23 -21.56
CA ILE B 254 -13.67 26.91 -20.95
C ILE B 254 -12.41 26.19 -21.43
N CYS B 255 -11.65 25.66 -20.48
CA CYS B 255 -10.48 24.85 -20.77
C CYS B 255 -10.87 23.38 -20.73
N ASP B 256 -9.87 22.51 -20.80
CA ASP B 256 -10.13 21.07 -20.73
C ASP B 256 -10.73 20.71 -19.38
N SER B 257 -11.77 19.90 -19.39
CA SER B 257 -12.46 19.48 -18.18
C SER B 257 -12.46 17.95 -18.09
N SER B 258 -13.03 17.44 -17.01
CA SER B 258 -13.06 16.01 -16.76
C SER B 258 -14.44 15.62 -16.28
N LEU B 259 -14.80 14.37 -16.53
CA LEU B 259 -16.11 13.84 -16.15
C LEU B 259 -15.91 12.49 -15.47
N GLN B 260 -16.61 12.29 -14.35
CA GLN B 260 -16.39 11.07 -13.57
C GLN B 260 -17.64 10.73 -12.78
N PHE B 261 -17.70 9.47 -12.36
CA PHE B 261 -18.71 9.02 -11.41
C PHE B 261 -18.27 9.35 -9.99
N ASP B 262 -19.08 8.94 -9.02
CA ASP B 262 -18.79 9.15 -7.61
C ASP B 262 -19.21 7.91 -6.84
N LYS B 263 -18.96 7.93 -5.53
CA LYS B 263 -19.44 6.85 -4.67
C LYS B 263 -20.95 6.73 -4.74
N ASN B 264 -21.64 7.84 -4.98
CA ASN B 264 -23.05 7.86 -5.35
C ASN B 264 -23.14 8.29 -6.81
N ASN B 265 -23.88 7.53 -7.60
CA ASN B 265 -23.94 7.77 -9.05
C ASN B 265 -24.57 9.13 -9.30
N ASN B 266 -23.74 10.11 -9.67
CA ASN B 266 -24.22 11.46 -9.91
C ASN B 266 -23.62 12.12 -11.14
N LEU B 267 -22.67 11.47 -11.83
CA LEU B 267 -22.03 12.02 -13.02
C LEU B 267 -21.46 13.41 -12.74
N ILE B 268 -20.52 13.45 -11.79
CA ILE B 268 -19.89 14.71 -11.42
C ILE B 268 -19.06 15.22 -12.59
N LEU B 269 -19.22 16.50 -12.92
CA LEU B 269 -18.42 17.14 -13.95
C LEU B 269 -17.36 18.01 -13.28
N ASN B 270 -16.12 17.53 -13.27
CA ASN B 270 -15.02 18.27 -12.66
C ASN B 270 -14.60 19.37 -13.63
N LEU B 271 -15.51 20.32 -13.82
CA LEU B 271 -15.30 21.40 -14.79
C LEU B 271 -14.13 22.26 -14.34
N THR B 272 -13.23 22.57 -15.27
CA THR B 272 -12.08 23.43 -15.01
C THR B 272 -12.25 24.71 -15.82
N LEU B 273 -12.47 25.82 -15.12
CA LEU B 273 -12.62 27.12 -15.74
C LEU B 273 -11.35 27.93 -15.51
N ASP B 274 -10.81 28.51 -16.57
CA ASP B 274 -9.54 29.23 -16.50
C ASP B 274 -9.78 30.71 -16.76
N ILE B 275 -9.12 31.55 -15.97
CA ILE B 275 -9.21 33.00 -16.07
C ILE B 275 -7.83 33.54 -16.44
N PRO B 276 -7.68 34.17 -17.61
CA PRO B 276 -6.40 34.72 -18.04
C PRO B 276 -5.99 35.95 -17.23
#